data_3PTA
#
_entry.id   3PTA
#
_cell.length_a   162.800
_cell.length_b   87.900
_cell.length_c   113.900
_cell.angle_alpha   90.00
_cell.angle_beta   97.20
_cell.angle_gamma   90.00
#
_symmetry.space_group_name_H-M   'C 1 2 1'
#
loop_
_entity.id
_entity.type
_entity.pdbx_description
1 polymer 'DNA (cytosine-5)-methyltransferase 1'
2 polymer "DNA (5'-D(*TP*CP*CP*CP*GP*TP*GP*AP*GP*CP*CP*TP*CP*CP*GP*CP*AP*GP*G)-3')"
3 polymer "DNA (5'-D(*CP*CP*TP*GP*CP*GP*GP*AP*GP*GP*CP*TP*CP*AP*CP*GP*GP*GP*A)-3')"
4 non-polymer S-ADENOSYL-L-HOMOCYSTEINE
5 non-polymer 'ZINC ION'
#
loop_
_entity_poly.entity_id
_entity_poly.type
_entity_poly.pdbx_seq_one_letter_code
_entity_poly.pdbx_strand_id
1 'polypeptide(L)'
;SNAFKRRRCGVCEVCQQPECGKCKACKDMVKFGGSGRSKQACQERRCPNMAMKEADDDEEVDDNIPEMPSPKKMHQGKKK
KQNKNRISWVGEAVKTDGKKSYYKKVCIDAETLEVGDCVSVIPDDSSKPLYLARVTALWEDSSNGQMFHAHWFCAGTDTV
LGATSDPLELFLVDECEDMQLSYIHSKVKVIYKAPSENWAMEGGMDPESLLEGDDGKTYFYQLWYDQDYARFESPPKTQP
TEDNKFKFCVSCARLAEMRQKEIPRVLEQLEDLDSRVLYYSATKNGILYRVGDGVYLPPEAFTFNIKLSSPVKRPRKEPV
DEDLYPEHYRKYSDYIKGSNLDAPEPYRIGRIKEIFCPKKSNGRPNETDIKIRVNKFYRPENTHKSTPASYHADINLLYW
SDEEAVVDFKAVQGRCTVEYGEDLPECVQVYSMGGPNRFYFLEAYNAKSKSFEDPPNHARSPGNKGKGKGKGKGKPKSQA
CEPSEPEIEIKLPKLRTLDVFSGCGGLSEGFHQAGISDTLWAIEMWDPAAQAFRLNNPGSTVFTEDCNILLKLVMAGETT
NSRGQRLPQKGDVEMLCGGPPCQGFSGMNRFNSRTYSKFKNSLVVSFLSYCDYYRPRFFLLENVRNFVSFKRSMVLKLTL
RCLVRMGYQCTFGVLQAGQYGVAQTRRRAIILAAAPGEKLPLFPEPLHVFAPRACQLSVVVDDKKFVSNITRLSSGPFRT
ITVRDTMSDLPEVRNGASALEISYNGEPQSWFQRQLRGAQYQPILRDHICKDMSALVAARMRHIPLAPGSDWRDLPNIEV
RLSDGTMARKLRYTHHDRKNGRSSSGALRGVCSCVEAGKACDPAARQFNTLIPWCLPHTGNRHNHWAGLYGRLEWDGFFS
TTVTNPEPMGKQGRVLHPEQHRVVSVRECARSQGFPDTYRLFGNILDKHRQVGNAVPPPLAKAIGLEIKLCMLAKA
;
A
2 'polydeoxyribonucleotide' (DT)(DC)(DC)(DC)(DG)(DT)(DG)(DA)(DG)(DC)(DC)(DT)(DC)(DC)(DG)(DC)(DA)(DG)(DG) B
3 'polydeoxyribonucleotide' (DC)(DC)(DT)(DG)(DC)(DG)(DG)(DA)(DG)(DG)(DC)(DT)(DC)(DA)(DC)(DG)(DG)(DG)(DA) C
#
loop_
_chem_comp.id
_chem_comp.type
_chem_comp.name
_chem_comp.formula
DA DNA linking 2'-DEOXYADENOSINE-5'-MONOPHOSPHATE 'C10 H14 N5 O6 P'
DC DNA linking 2'-DEOXYCYTIDINE-5'-MONOPHOSPHATE 'C9 H14 N3 O7 P'
DG DNA linking 2'-DEOXYGUANOSINE-5'-MONOPHOSPHATE 'C10 H14 N5 O7 P'
DT DNA linking THYMIDINE-5'-MONOPHOSPHATE 'C10 H15 N2 O8 P'
ZN non-polymer 'ZINC ION' 'Zn 2'
#
# COMPACT_ATOMS: atom_id res chain seq x y z
N ALA A 3 4.10 10.76 28.39
CA ALA A 3 5.05 10.09 29.32
C ALA A 3 5.99 9.17 28.54
N PHE A 4 6.53 9.67 27.44
CA PHE A 4 7.44 8.92 26.60
C PHE A 4 8.79 9.62 26.48
N LYS A 5 9.87 8.88 26.72
CA LYS A 5 11.22 9.45 26.64
C LYS A 5 11.94 8.85 25.44
N ARG A 6 12.86 9.61 24.85
CA ARG A 6 13.60 9.13 23.68
C ARG A 6 14.68 8.12 24.08
N ARG A 7 15.44 7.66 23.10
CA ARG A 7 16.52 6.70 23.34
C ARG A 7 17.61 6.83 22.27
N ARG A 8 18.79 6.29 22.58
CA ARG A 8 19.92 6.33 21.66
C ARG A 8 19.74 5.26 20.58
N CYS A 9 20.34 5.48 19.42
CA CYS A 9 20.25 4.51 18.34
C CYS A 9 21.40 3.53 18.57
N GLY A 10 21.34 2.35 17.95
CA GLY A 10 22.40 1.39 18.15
C GLY A 10 23.23 1.16 16.91
N VAL A 11 23.31 2.18 16.06
CA VAL A 11 24.07 2.09 14.83
C VAL A 11 25.31 2.98 14.78
N CYS A 12 25.09 4.29 14.70
CA CYS A 12 26.18 5.26 14.64
C CYS A 12 27.38 4.88 15.47
N GLU A 13 28.55 5.37 15.06
CA GLU A 13 29.81 5.09 15.73
C GLU A 13 29.83 5.59 17.18
N VAL A 14 29.31 6.80 17.40
CA VAL A 14 29.29 7.40 18.73
C VAL A 14 28.78 6.44 19.80
N CYS A 15 27.85 5.57 19.43
CA CYS A 15 27.28 4.60 20.37
C CYS A 15 28.14 3.35 20.49
N GLN A 16 28.97 3.10 19.47
CA GLN A 16 29.84 1.95 19.47
C GLN A 16 31.06 2.15 20.37
N GLN A 17 31.68 3.32 20.27
CA GLN A 17 32.86 3.65 21.06
C GLN A 17 32.69 3.25 22.52
N PRO A 18 33.74 2.66 23.11
CA PRO A 18 33.77 2.19 24.51
C PRO A 18 33.76 3.30 25.56
N GLU A 19 33.25 2.98 26.74
CA GLU A 19 33.19 3.93 27.83
C GLU A 19 34.60 4.16 28.38
N CYS A 20 35.25 5.22 27.90
CA CYS A 20 36.62 5.53 28.32
C CYS A 20 36.82 5.40 29.83
N GLY A 21 36.57 6.48 30.56
CA GLY A 21 36.75 6.47 31.99
C GLY A 21 37.74 7.54 32.41
N LYS A 22 37.51 8.77 31.93
CA LYS A 22 38.39 9.88 32.25
C LYS A 22 37.58 11.14 32.58
N CYS A 23 36.29 11.12 32.30
CA CYS A 23 35.43 12.26 32.58
C CYS A 23 34.56 12.01 33.81
N LYS A 24 33.91 13.07 34.28
CA LYS A 24 33.05 13.00 35.46
C LYS A 24 32.03 11.86 35.43
N ALA A 25 31.02 11.98 34.57
CA ALA A 25 29.97 10.97 34.46
C ALA A 25 30.47 9.54 34.31
N CYS A 26 31.11 9.26 33.18
CA CYS A 26 31.62 7.93 32.88
C CYS A 26 32.40 7.29 34.02
N LYS A 27 33.17 8.10 34.74
CA LYS A 27 33.98 7.60 35.86
C LYS A 27 33.13 7.34 37.10
N ASP A 28 32.06 8.11 37.26
CA ASP A 28 31.18 7.97 38.43
C ASP A 28 30.34 6.70 38.39
N MET A 29 30.49 5.89 37.35
CA MET A 29 29.72 4.66 37.24
C MET A 29 29.95 3.72 38.43
N VAL A 30 29.03 2.78 38.61
CA VAL A 30 29.11 1.82 39.70
C VAL A 30 30.14 0.72 39.40
N LYS A 31 30.28 0.38 38.12
CA LYS A 31 31.23 -0.64 37.71
C LYS A 31 32.65 -0.07 37.63
N PHE A 32 32.82 1.15 38.13
CA PHE A 32 34.12 1.82 38.15
C PHE A 32 34.50 2.23 39.56
N GLY A 33 33.83 1.63 40.54
CA GLY A 33 34.11 1.93 41.93
C GLY A 33 33.36 3.16 42.43
N GLY A 34 32.94 4.01 41.51
CA GLY A 34 32.22 5.22 41.87
C GLY A 34 30.93 4.93 42.61
N SER A 35 30.19 5.98 42.95
CA SER A 35 28.93 5.83 43.67
C SER A 35 27.83 5.36 42.73
N GLY A 36 27.66 6.05 41.61
CA GLY A 36 26.65 5.69 40.65
C GLY A 36 25.35 6.43 40.90
N ARG A 37 25.35 7.27 41.93
CA ARG A 37 24.17 8.04 42.29
C ARG A 37 23.88 9.11 41.25
N SER A 38 24.70 9.15 40.20
CA SER A 38 24.53 10.14 39.13
C SER A 38 23.65 9.58 38.02
N LYS A 39 23.86 8.31 37.69
CA LYS A 39 23.08 7.64 36.64
C LYS A 39 23.18 8.38 35.32
N GLN A 40 24.30 8.19 34.63
CA GLN A 40 24.55 8.83 33.33
C GLN A 40 25.36 7.95 32.40
N ALA A 41 25.74 8.50 31.25
CA ALA A 41 26.53 7.79 30.26
C ALA A 41 27.82 8.56 29.99
N CYS A 42 28.78 7.89 29.37
CA CYS A 42 30.06 8.52 29.04
C CYS A 42 29.85 9.77 28.21
N GLN A 43 30.69 10.78 28.43
CA GLN A 43 30.58 12.03 27.69
C GLN A 43 30.88 11.82 26.22
N GLU A 44 31.54 10.70 25.91
CA GLU A 44 31.90 10.38 24.54
C GLU A 44 30.93 9.36 23.93
N ARG A 45 29.73 9.29 24.51
CA ARG A 45 28.70 8.36 24.03
C ARG A 45 27.40 9.10 23.72
N ARG A 46 27.43 10.43 23.90
CA ARG A 46 26.25 11.26 23.66
C ARG A 46 25.75 11.02 22.23
N CYS A 47 24.73 10.18 22.11
CA CYS A 47 24.15 9.85 20.81
C CYS A 47 23.43 11.04 20.17
N PRO A 48 23.85 11.42 18.95
CA PRO A 48 23.25 12.54 18.21
C PRO A 48 21.94 12.14 17.51
N ASN A 49 21.96 10.96 16.88
CA ASN A 49 20.79 10.46 16.18
C ASN A 49 19.77 9.96 17.19
N MET A 50 19.97 10.33 18.44
CA MET A 50 19.07 9.93 19.51
C MET A 50 17.64 10.38 19.23
N ALA A 51 16.69 9.47 19.38
CA ALA A 51 15.28 9.77 19.14
C ALA A 51 14.41 8.66 19.72
N MET A 52 13.11 8.91 19.82
CA MET A 52 12.19 7.93 20.38
C MET A 52 12.16 6.65 19.54
N LYS A 53 12.00 5.51 20.21
CA LYS A 53 11.96 4.22 19.54
C LYS A 53 10.56 3.95 19.00
N GLU A 54 9.85 5.02 18.64
CA GLU A 54 8.50 4.89 18.11
C GLU A 54 8.53 4.19 16.76
N ALA A 55 9.72 4.09 16.19
CA ALA A 55 9.90 3.43 14.90
C ALA A 55 9.61 1.94 15.01
N ASP A 56 8.53 1.51 14.39
CA ASP A 56 8.14 0.11 14.40
C ASP A 56 8.43 -0.53 13.05
N ASP A 57 7.67 -1.57 12.69
CA ASP A 57 7.84 -2.30 11.44
C ASP A 57 9.28 -2.80 11.25
N ASP A 58 9.89 -3.28 12.33
CA ASP A 58 11.26 -3.79 12.27
C ASP A 58 11.30 -5.05 11.42
N GLU A 59 11.76 -4.90 10.18
CA GLU A 59 11.87 -5.99 9.21
C GLU A 59 11.55 -7.36 9.80
N GLU A 60 10.29 -7.77 9.68
CA GLU A 60 9.84 -9.06 10.18
C GLU A 60 9.50 -10.00 9.04
N VAL A 61 9.41 -11.29 9.34
CA VAL A 61 9.09 -12.29 8.33
C VAL A 61 7.63 -12.75 8.48
N ASP A 62 6.78 -11.86 8.98
CA ASP A 62 5.36 -12.19 9.16
C ASP A 62 4.63 -12.10 7.82
N ASP A 63 5.24 -11.42 6.86
CA ASP A 63 4.66 -11.24 5.53
C ASP A 63 4.83 -12.49 4.66
N ASN A 64 5.87 -13.27 4.96
CA ASN A 64 6.15 -14.49 4.20
C ASN A 64 5.15 -15.58 4.53
N ILE A 65 5.43 -16.80 4.08
CA ILE A 65 4.55 -17.94 4.32
C ILE A 65 3.13 -17.54 3.88
N PRO A 66 2.99 -16.96 2.68
CA PRO A 66 1.68 -16.55 2.15
C PRO A 66 0.75 -17.69 1.76
N GLU A 67 1.32 -18.82 1.39
CA GLU A 67 0.54 -19.99 1.00
C GLU A 67 -0.73 -20.08 1.83
N MET A 68 -1.88 -19.96 1.18
CA MET A 68 -3.15 -20.01 1.89
C MET A 68 -4.34 -19.95 0.91
N PRO A 69 -5.41 -20.70 1.20
CA PRO A 69 -6.61 -20.74 0.35
C PRO A 69 -7.51 -19.54 0.63
N SER A 70 -8.50 -19.32 -0.23
CA SER A 70 -9.42 -18.19 -0.05
C SER A 70 -10.55 -18.56 0.91
N PRO A 71 -11.06 -17.58 1.66
CA PRO A 71 -12.15 -17.84 2.62
C PRO A 71 -13.47 -18.23 1.96
N LYS A 72 -14.45 -17.34 2.02
CA LYS A 72 -15.79 -17.58 1.46
C LYS A 72 -16.31 -18.97 1.85
N LYS A 73 -16.28 -19.22 3.14
CA LYS A 73 -16.74 -20.46 3.77
C LYS A 73 -17.92 -21.14 3.08
N MET A 74 -18.73 -20.36 2.36
CA MET A 74 -19.92 -20.90 1.70
C MET A 74 -20.90 -21.13 2.85
N HIS A 75 -20.58 -20.51 3.99
CA HIS A 75 -21.37 -20.63 5.20
C HIS A 75 -21.45 -22.13 5.51
N GLN A 76 -20.37 -22.81 5.17
CA GLN A 76 -20.23 -24.25 5.37
C GLN A 76 -21.16 -25.02 4.45
N GLY A 77 -21.28 -26.32 4.67
CA GLY A 77 -22.15 -27.16 3.86
C GLY A 77 -22.82 -28.21 4.71
N LYS A 78 -23.71 -28.99 4.11
CA LYS A 78 -24.44 -30.03 4.82
C LYS A 78 -25.08 -29.48 6.09
N LYS A 79 -26.19 -28.78 5.91
CA LYS A 79 -26.93 -28.20 7.04
C LYS A 79 -27.88 -29.26 7.60
N LYS A 80 -27.73 -29.60 8.87
CA LYS A 80 -28.59 -30.62 9.48
C LYS A 80 -30.04 -30.43 9.08
N LYS A 81 -30.72 -31.54 8.84
CA LYS A 81 -32.12 -31.50 8.45
C LYS A 81 -33.00 -31.78 9.66
N GLN A 82 -34.13 -31.09 9.75
CA GLN A 82 -35.06 -31.27 10.85
C GLN A 82 -36.34 -31.97 10.42
N ASN A 83 -36.97 -32.66 11.37
CA ASN A 83 -38.22 -33.37 11.10
C ASN A 83 -39.40 -32.45 11.39
N LYS A 84 -40.33 -32.40 10.45
CA LYS A 84 -41.52 -31.57 10.59
C LYS A 84 -42.79 -32.42 10.64
N ASN A 85 -43.73 -32.02 11.48
CA ASN A 85 -44.98 -32.74 11.62
C ASN A 85 -45.98 -32.28 10.58
N ARG A 86 -46.19 -30.98 10.49
CA ARG A 86 -47.13 -30.41 9.53
C ARG A 86 -46.57 -29.13 8.92
N ILE A 87 -46.77 -28.99 7.61
CA ILE A 87 -46.30 -27.82 6.88
C ILE A 87 -47.33 -27.45 5.83
N SER A 88 -48.21 -26.51 6.15
CA SER A 88 -49.25 -26.09 5.23
C SER A 88 -49.12 -24.63 4.85
N TRP A 89 -49.45 -24.31 3.61
CA TRP A 89 -49.37 -22.95 3.13
C TRP A 89 -50.51 -22.13 3.70
N VAL A 90 -50.57 -20.86 3.32
CA VAL A 90 -51.63 -19.98 3.79
C VAL A 90 -51.96 -18.92 2.74
N GLY A 91 -53.23 -18.92 2.32
CA GLY A 91 -53.66 -17.95 1.32
C GLY A 91 -53.51 -18.48 -0.10
N GLU A 92 -53.81 -17.63 -1.07
CA GLU A 92 -53.70 -18.00 -2.48
C GLU A 92 -52.30 -17.69 -3.00
N ALA A 93 -51.77 -18.61 -3.81
CA ALA A 93 -50.43 -18.44 -4.38
C ALA A 93 -50.23 -17.02 -4.91
N VAL A 94 -49.28 -16.30 -4.31
CA VAL A 94 -48.98 -14.94 -4.71
C VAL A 94 -48.88 -14.79 -6.23
N LYS A 95 -48.22 -15.75 -6.88
CA LYS A 95 -48.05 -15.78 -8.34
C LYS A 95 -47.49 -17.12 -8.77
N THR A 96 -48.19 -17.78 -9.69
CA THR A 96 -47.76 -19.09 -10.18
C THR A 96 -47.53 -19.04 -11.69
N ASP A 97 -46.28 -18.82 -12.08
CA ASP A 97 -45.92 -18.76 -13.49
C ASP A 97 -45.58 -20.14 -14.04
N GLY A 98 -44.36 -20.28 -14.55
CA GLY A 98 -43.91 -21.54 -15.12
C GLY A 98 -44.35 -22.80 -14.40
N LYS A 99 -43.42 -23.42 -13.67
CA LYS A 99 -43.73 -24.65 -12.93
C LYS A 99 -43.59 -24.48 -11.43
N LYS A 100 -44.04 -23.33 -10.93
CA LYS A 100 -43.98 -23.04 -9.50
C LYS A 100 -45.15 -22.21 -9.03
N SER A 101 -45.33 -22.16 -7.71
CA SER A 101 -46.41 -21.40 -7.10
C SER A 101 -45.95 -20.82 -5.76
N TYR A 102 -45.52 -19.57 -5.78
CA TYR A 102 -45.05 -18.90 -4.58
C TYR A 102 -46.23 -18.56 -3.66
N TYR A 103 -45.93 -18.28 -2.39
CA TYR A 103 -46.96 -17.91 -1.42
C TYR A 103 -46.54 -16.73 -0.55
N LYS A 104 -47.44 -16.29 0.31
CA LYS A 104 -47.18 -15.15 1.19
C LYS A 104 -46.57 -15.59 2.52
N LYS A 105 -47.25 -16.49 3.22
CA LYS A 105 -46.76 -16.98 4.50
C LYS A 105 -46.71 -18.50 4.52
N VAL A 106 -46.50 -19.08 5.69
CA VAL A 106 -46.41 -20.53 5.84
C VAL A 106 -46.43 -20.92 7.31
N CYS A 107 -46.85 -22.15 7.59
CA CYS A 107 -46.90 -22.63 8.96
C CYS A 107 -46.10 -23.92 9.14
N ILE A 108 -45.20 -23.91 10.12
CA ILE A 108 -44.38 -25.07 10.41
C ILE A 108 -44.61 -25.47 11.86
N ASP A 109 -45.49 -26.45 12.07
CA ASP A 109 -45.83 -26.92 13.41
C ASP A 109 -46.43 -25.79 14.23
N ALA A 110 -47.47 -25.17 13.66
CA ALA A 110 -48.20 -24.07 14.29
C ALA A 110 -47.54 -22.70 14.17
N GLU A 111 -46.22 -22.68 14.01
CA GLU A 111 -45.49 -21.42 13.90
C GLU A 111 -45.64 -20.78 12.51
N THR A 112 -45.64 -19.46 12.47
CA THR A 112 -45.79 -18.73 11.21
C THR A 112 -44.56 -17.99 10.74
N LEU A 113 -44.10 -18.36 9.54
CA LEU A 113 -42.93 -17.76 8.92
C LEU A 113 -43.44 -16.92 7.75
N GLU A 114 -43.05 -15.66 7.71
CA GLU A 114 -43.48 -14.75 6.66
C GLU A 114 -42.30 -14.27 5.83
N VAL A 115 -42.52 -14.11 4.52
CA VAL A 115 -41.45 -13.66 3.64
C VAL A 115 -40.90 -12.34 4.21
N GLY A 116 -39.65 -12.38 4.64
CA GLY A 116 -39.03 -11.22 5.23
C GLY A 116 -38.54 -11.55 6.63
N ASP A 117 -39.05 -12.65 7.18
CA ASP A 117 -38.64 -13.10 8.50
C ASP A 117 -37.30 -13.80 8.42
N CYS A 118 -36.54 -13.76 9.51
CA CYS A 118 -35.23 -14.39 9.57
C CYS A 118 -35.27 -15.73 10.28
N VAL A 119 -35.13 -16.81 9.51
CA VAL A 119 -35.14 -18.15 10.06
C VAL A 119 -33.72 -18.55 10.48
N SER A 120 -33.60 -19.68 11.16
CA SER A 120 -32.30 -20.17 11.61
C SER A 120 -32.12 -21.64 11.25
N VAL A 121 -30.89 -22.04 10.93
CA VAL A 121 -30.60 -23.41 10.57
C VAL A 121 -29.40 -23.96 11.34
N ILE A 122 -29.40 -25.27 11.58
CA ILE A 122 -28.31 -25.91 12.30
C ILE A 122 -27.35 -26.58 11.32
N PRO A 123 -26.04 -26.32 11.46
CA PRO A 123 -25.00 -26.89 10.59
C PRO A 123 -24.93 -28.40 10.77
N ASP A 124 -23.82 -29.00 10.35
CA ASP A 124 -23.63 -30.43 10.49
C ASP A 124 -22.52 -30.68 11.51
N ASP A 125 -21.74 -29.64 11.77
CA ASP A 125 -20.63 -29.71 12.73
C ASP A 125 -20.95 -28.88 13.96
N SER A 126 -20.97 -29.51 15.12
CA SER A 126 -21.27 -28.85 16.39
C SER A 126 -20.25 -27.78 16.80
N SER A 127 -19.29 -27.50 15.92
CA SER A 127 -18.27 -26.49 16.21
C SER A 127 -18.66 -25.13 15.63
N LYS A 128 -19.35 -25.15 14.49
CA LYS A 128 -19.78 -23.91 13.83
C LYS A 128 -21.18 -23.52 14.32
N PRO A 129 -21.31 -22.31 14.87
CA PRO A 129 -22.58 -21.79 15.39
C PRO A 129 -23.75 -21.92 14.40
N LEU A 130 -24.96 -21.69 14.89
CA LEU A 130 -26.15 -21.78 14.06
C LEU A 130 -26.24 -20.64 13.05
N TYR A 131 -26.71 -20.94 11.85
CA TYR A 131 -26.82 -19.96 10.78
C TYR A 131 -28.17 -19.24 10.77
N LEU A 132 -28.17 -18.04 10.21
CA LEU A 132 -29.37 -17.22 10.13
C LEU A 132 -29.54 -16.74 8.68
N ALA A 133 -30.78 -16.46 8.29
CA ALA A 133 -31.06 -16.00 6.94
C ALA A 133 -32.42 -15.32 6.83
N ARG A 134 -32.53 -14.37 5.90
CA ARG A 134 -33.78 -13.66 5.68
C ARG A 134 -34.53 -14.22 4.47
N VAL A 135 -35.47 -15.12 4.74
CA VAL A 135 -36.26 -15.76 3.70
C VAL A 135 -36.76 -14.75 2.68
N THR A 136 -36.31 -14.90 1.43
CA THR A 136 -36.71 -14.00 0.36
C THR A 136 -37.86 -14.57 -0.47
N ALA A 137 -38.19 -15.84 -0.26
CA ALA A 137 -39.26 -16.47 -1.02
C ALA A 137 -39.73 -17.81 -0.43
N LEU A 138 -40.88 -18.26 -0.92
CA LEU A 138 -41.50 -19.53 -0.52
C LEU A 138 -42.31 -20.01 -1.72
N TRP A 139 -42.16 -21.28 -2.11
CA TRP A 139 -42.89 -21.77 -3.29
C TRP A 139 -43.14 -23.28 -3.27
N GLU A 140 -43.90 -23.76 -4.24
CA GLU A 140 -44.16 -25.19 -4.31
C GLU A 140 -43.83 -25.64 -5.72
N ASP A 141 -42.74 -26.41 -5.86
CA ASP A 141 -42.32 -26.88 -7.17
C ASP A 141 -43.20 -28.04 -7.64
N SER A 142 -43.29 -28.20 -8.96
CA SER A 142 -44.10 -29.25 -9.56
C SER A 142 -43.58 -30.66 -9.26
N SER A 143 -42.44 -30.77 -8.58
CA SER A 143 -41.88 -32.08 -8.26
C SER A 143 -40.93 -32.08 -7.07
N ASN A 144 -40.24 -30.98 -6.85
CA ASN A 144 -39.29 -30.87 -5.74
C ASN A 144 -39.99 -30.78 -4.38
N GLY A 145 -41.10 -30.06 -4.34
CA GLY A 145 -41.83 -29.92 -3.10
C GLY A 145 -41.86 -28.51 -2.57
N GLN A 146 -41.80 -28.36 -1.26
CA GLN A 146 -41.83 -27.04 -0.66
C GLN A 146 -40.43 -26.52 -0.32
N MET A 147 -39.99 -25.51 -1.08
CA MET A 147 -38.69 -24.90 -0.88
C MET A 147 -38.80 -23.42 -0.50
N PHE A 148 -37.64 -22.83 -0.17
CA PHE A 148 -37.57 -21.42 0.19
C PHE A 148 -36.16 -20.92 -0.07
N HIS A 149 -36.04 -19.64 -0.41
CA HIS A 149 -34.74 -19.05 -0.67
C HIS A 149 -34.26 -18.28 0.56
N ALA A 150 -33.15 -18.73 1.15
CA ALA A 150 -32.61 -18.10 2.34
C ALA A 150 -31.36 -17.26 2.12
N HIS A 151 -31.51 -15.95 2.29
CA HIS A 151 -30.40 -15.02 2.14
C HIS A 151 -29.61 -15.12 3.44
N TRP A 152 -28.42 -15.73 3.38
CA TRP A 152 -27.60 -15.94 4.56
C TRP A 152 -27.14 -14.70 5.33
N PHE A 153 -27.00 -14.90 6.64
CA PHE A 153 -26.56 -13.86 7.57
C PHE A 153 -25.21 -14.28 8.14
N CYS A 154 -24.22 -13.41 8.03
CA CYS A 154 -22.89 -13.71 8.53
C CYS A 154 -22.70 -13.28 9.98
N ALA A 155 -22.46 -14.25 10.85
CA ALA A 155 -22.25 -13.97 12.26
C ALA A 155 -21.07 -13.04 12.42
N GLY A 156 -21.06 -12.26 13.50
CA GLY A 156 -19.96 -11.34 13.73
C GLY A 156 -18.67 -12.06 14.09
N THR A 157 -18.79 -13.26 14.62
CA THR A 157 -17.62 -14.05 15.00
C THR A 157 -17.01 -14.78 13.80
N ASP A 158 -17.48 -14.42 12.60
CA ASP A 158 -16.97 -15.03 11.37
C ASP A 158 -16.41 -13.92 10.49
N THR A 159 -16.31 -12.73 11.07
CA THR A 159 -15.81 -11.57 10.35
C THR A 159 -14.42 -11.22 10.88
N VAL A 160 -13.74 -10.30 10.18
CA VAL A 160 -12.40 -9.88 10.58
C VAL A 160 -12.38 -9.55 12.06
N LEU A 161 -13.48 -9.00 12.55
CA LEU A 161 -13.63 -8.62 13.96
C LEU A 161 -13.60 -9.83 14.88
N GLY A 162 -13.86 -11.00 14.30
CA GLY A 162 -13.86 -12.24 15.05
C GLY A 162 -14.45 -12.20 16.46
N ALA A 163 -13.59 -12.00 17.45
CA ALA A 163 -14.01 -11.97 18.84
C ALA A 163 -14.38 -10.57 19.35
N THR A 164 -13.77 -9.55 18.77
CA THR A 164 -14.05 -8.17 19.17
C THR A 164 -15.40 -7.70 18.64
N SER A 165 -16.09 -8.59 17.93
CA SER A 165 -17.39 -8.28 17.35
C SER A 165 -18.52 -8.42 18.36
N ASP A 166 -19.45 -7.48 18.34
CA ASP A 166 -20.59 -7.51 19.26
C ASP A 166 -21.39 -8.79 19.01
N PRO A 167 -21.51 -9.64 20.04
CA PRO A 167 -22.24 -10.90 19.96
C PRO A 167 -23.58 -10.85 19.24
N LEU A 168 -24.25 -9.70 19.34
CA LEU A 168 -25.57 -9.54 18.72
C LEU A 168 -25.52 -8.95 17.31
N GLU A 169 -24.34 -8.60 16.83
CA GLU A 169 -24.21 -8.02 15.50
C GLU A 169 -24.04 -9.03 14.38
N LEU A 170 -24.78 -8.82 13.30
CA LEU A 170 -24.73 -9.67 12.12
C LEU A 170 -24.44 -8.78 10.92
N PHE A 171 -23.99 -9.38 9.82
CA PHE A 171 -23.67 -8.61 8.62
C PHE A 171 -24.26 -9.26 7.37
N LEU A 172 -24.69 -8.42 6.43
CA LEU A 172 -25.28 -8.90 5.19
C LEU A 172 -24.19 -9.47 4.28
N VAL A 173 -24.47 -10.65 3.71
CA VAL A 173 -23.52 -11.31 2.83
C VAL A 173 -24.20 -11.85 1.58
N ASP A 174 -23.50 -11.77 0.45
CA ASP A 174 -24.02 -12.24 -0.82
C ASP A 174 -23.98 -13.77 -0.92
N GLU A 175 -24.48 -14.42 0.11
CA GLU A 175 -24.54 -15.88 0.16
C GLU A 175 -26.00 -16.29 0.29
N CYS A 176 -26.42 -17.25 -0.55
CA CYS A 176 -27.81 -17.72 -0.50
C CYS A 176 -28.05 -19.01 -1.28
N GLU A 177 -28.91 -19.86 -0.73
CA GLU A 177 -29.25 -21.15 -1.35
C GLU A 177 -30.77 -21.34 -1.40
N ASP A 178 -31.19 -22.44 -2.02
CA ASP A 178 -32.60 -22.78 -2.13
C ASP A 178 -32.81 -24.12 -1.42
N MET A 179 -33.01 -24.06 -0.11
CA MET A 179 -33.18 -25.27 0.70
C MET A 179 -34.61 -25.79 0.79
N GLN A 180 -34.76 -26.92 1.48
CA GLN A 180 -36.05 -27.56 1.66
C GLN A 180 -36.57 -27.22 3.05
N LEU A 181 -37.60 -26.39 3.09
CA LEU A 181 -38.23 -25.96 4.34
C LEU A 181 -37.93 -26.73 5.62
N SER A 182 -37.98 -28.05 5.55
CA SER A 182 -37.74 -28.89 6.72
C SER A 182 -36.41 -28.62 7.42
N TYR A 183 -35.55 -27.82 6.80
CA TYR A 183 -34.25 -27.51 7.40
C TYR A 183 -34.29 -26.39 8.44
N ILE A 184 -35.46 -25.76 8.62
CA ILE A 184 -35.58 -24.67 9.58
C ILE A 184 -35.56 -25.14 11.03
N HIS A 185 -35.13 -24.25 11.92
CA HIS A 185 -35.05 -24.54 13.35
C HIS A 185 -35.90 -23.59 14.17
N SER A 186 -35.75 -22.29 13.93
CA SER A 186 -36.50 -21.27 14.66
C SER A 186 -36.70 -19.99 13.86
N LYS A 187 -37.63 -19.17 14.33
CA LYS A 187 -37.94 -17.90 13.69
C LYS A 187 -37.35 -16.77 14.53
N VAL A 188 -36.05 -16.51 14.36
CA VAL A 188 -35.37 -15.48 15.11
C VAL A 188 -35.65 -14.09 14.56
N LYS A 189 -35.92 -13.15 15.46
CA LYS A 189 -36.22 -11.77 15.06
C LYS A 189 -34.93 -10.96 14.95
N VAL A 190 -34.77 -10.26 13.84
CA VAL A 190 -33.58 -9.45 13.60
C VAL A 190 -33.96 -8.02 13.23
N ILE A 191 -33.54 -7.07 14.07
CA ILE A 191 -33.82 -5.66 13.85
C ILE A 191 -32.71 -4.99 13.03
N TYR A 192 -33.03 -3.86 12.41
CA TYR A 192 -32.09 -3.12 11.60
C TYR A 192 -31.74 -1.80 12.31
N LYS A 193 -30.57 -1.76 12.93
CA LYS A 193 -30.13 -0.55 13.63
C LYS A 193 -29.61 0.48 12.63
N ALA A 194 -30.53 1.12 11.91
CA ALA A 194 -30.16 2.12 10.92
C ALA A 194 -29.53 3.36 11.55
N PRO A 195 -28.66 4.04 10.79
CA PRO A 195 -27.97 5.26 11.27
C PRO A 195 -28.96 6.40 11.54
N SER A 196 -28.77 7.08 12.68
CA SER A 196 -29.62 8.18 13.05
C SER A 196 -29.64 9.27 11.99
N GLU A 197 -30.78 9.93 11.84
CA GLU A 197 -30.92 11.00 10.85
C GLU A 197 -29.90 12.08 11.16
N ASN A 198 -29.72 12.37 12.45
CA ASN A 198 -28.75 13.37 12.88
C ASN A 198 -27.56 12.64 13.46
N TRP A 199 -26.85 11.93 12.58
CA TRP A 199 -25.68 11.12 12.93
C TRP A 199 -24.41 11.91 13.24
N ALA A 200 -24.01 12.76 12.28
CA ALA A 200 -22.79 13.55 12.41
C ALA A 200 -22.71 14.48 13.62
N MET A 201 -23.50 14.20 14.65
CA MET A 201 -23.48 15.04 15.85
C MET A 201 -23.35 14.25 17.15
N GLU A 202 -23.43 12.92 17.02
CA GLU A 202 -23.32 12.04 18.17
C GLU A 202 -21.87 11.76 18.56
N GLY A 203 -21.15 12.82 18.89
CA GLY A 203 -19.74 12.68 19.27
C GLY A 203 -19.51 11.95 20.58
N GLY A 204 -19.09 12.70 21.60
CA GLY A 204 -18.82 12.14 22.91
C GLY A 204 -19.50 10.82 23.26
N MET A 205 -18.71 9.85 23.69
CA MET A 205 -19.21 8.54 24.07
C MET A 205 -18.14 7.76 24.84
N ASP A 206 -18.54 6.65 25.44
CA ASP A 206 -17.63 5.82 26.22
C ASP A 206 -17.03 4.72 25.33
N PRO A 207 -15.89 4.13 25.75
CA PRO A 207 -15.20 3.07 25.00
C PRO A 207 -16.12 2.16 24.19
N GLY A 216 -27.26 -3.46 22.65
CA GLY A 216 -28.06 -4.46 21.98
C GLY A 216 -28.88 -5.30 22.95
N LYS A 217 -29.95 -5.90 22.45
CA LYS A 217 -30.81 -6.74 23.25
C LYS A 217 -31.25 -7.96 22.44
N THR A 218 -31.08 -7.85 21.13
CA THR A 218 -31.45 -8.92 20.20
C THR A 218 -30.59 -8.79 18.94
N TYR A 219 -30.59 -9.81 18.09
CA TYR A 219 -29.79 -9.78 16.88
C TYR A 219 -30.20 -8.63 15.95
N PHE A 220 -29.20 -7.96 15.39
CA PHE A 220 -29.46 -6.85 14.48
C PHE A 220 -28.35 -6.71 13.45
N TYR A 221 -28.67 -6.11 12.31
CA TYR A 221 -27.69 -5.91 11.25
C TYR A 221 -27.69 -4.43 10.88
N GLN A 222 -26.56 -3.92 10.40
CA GLN A 222 -26.47 -2.53 10.03
C GLN A 222 -25.50 -2.30 8.87
N LEU A 223 -24.67 -3.30 8.60
CA LEU A 223 -23.70 -3.19 7.52
C LEU A 223 -23.53 -4.46 6.70
N TRP A 224 -23.15 -4.27 5.44
CA TRP A 224 -22.93 -5.36 4.51
C TRP A 224 -21.44 -5.70 4.58
N TYR A 225 -21.13 -6.99 4.67
CA TYR A 225 -19.73 -7.42 4.75
C TYR A 225 -19.25 -8.25 3.57
N ASP A 226 -18.07 -7.90 3.07
CA ASP A 226 -17.47 -8.62 1.95
C ASP A 226 -16.43 -9.58 2.52
N GLN A 227 -16.72 -10.86 2.45
CA GLN A 227 -15.84 -11.90 2.98
C GLN A 227 -14.37 -11.85 2.53
N ASP A 228 -14.14 -11.76 1.22
CA ASP A 228 -12.79 -11.75 0.69
C ASP A 228 -12.01 -10.43 0.75
N TYR A 229 -12.70 -9.31 0.82
CA TYR A 229 -12.01 -8.02 0.85
C TYR A 229 -12.06 -7.32 2.20
N ALA A 230 -12.80 -7.88 3.15
CA ALA A 230 -12.93 -7.28 4.47
C ALA A 230 -13.42 -5.83 4.38
N ARG A 231 -14.54 -5.64 3.69
CA ARG A 231 -15.12 -4.31 3.51
C ARG A 231 -16.46 -4.22 4.24
N PHE A 232 -16.75 -3.07 4.81
CA PHE A 232 -18.01 -2.84 5.51
C PHE A 232 -18.71 -1.65 4.87
N GLU A 233 -19.61 -1.95 3.94
CA GLU A 233 -20.36 -0.91 3.24
C GLU A 233 -21.81 -0.87 3.68
N SER A 234 -22.53 0.17 3.25
CA SER A 234 -23.93 0.32 3.58
C SER A 234 -24.79 -0.65 2.77
N PRO A 235 -25.90 -1.12 3.36
CA PRO A 235 -26.80 -2.07 2.69
C PRO A 235 -27.25 -1.57 1.31
N PRO A 236 -27.30 -2.49 0.33
CA PRO A 236 -27.72 -2.15 -1.04
C PRO A 236 -29.14 -1.57 -1.07
N LYS A 237 -29.32 -0.45 -1.77
CA LYS A 237 -30.62 0.19 -1.88
C LYS A 237 -31.41 -0.36 -3.07
N THR A 238 -31.02 -1.55 -3.52
CA THR A 238 -31.69 -2.20 -4.66
C THR A 238 -33.17 -2.40 -4.40
N GLN A 239 -34.00 -1.91 -5.32
CA GLN A 239 -35.44 -2.03 -5.20
C GLN A 239 -36.03 -3.06 -6.15
N PRO A 240 -36.99 -3.87 -5.67
CA PRO A 240 -37.65 -4.92 -6.45
C PRO A 240 -38.62 -4.35 -7.50
N THR A 241 -39.13 -5.22 -8.35
CA THR A 241 -40.07 -4.81 -9.39
C THR A 241 -41.41 -5.48 -9.10
N GLU A 242 -42.27 -5.58 -10.10
CA GLU A 242 -43.57 -6.20 -9.91
C GLU A 242 -43.56 -7.67 -10.34
N ASP A 243 -42.55 -8.07 -11.09
CA ASP A 243 -42.45 -9.45 -11.56
C ASP A 243 -41.56 -10.32 -10.68
N ASN A 244 -41.33 -9.87 -9.44
CA ASN A 244 -40.50 -10.62 -8.50
C ASN A 244 -40.61 -10.07 -7.09
N LYS A 245 -41.43 -9.03 -6.92
CA LYS A 245 -41.63 -8.41 -5.62
C LYS A 245 -41.95 -9.42 -4.52
N PHE A 246 -42.47 -10.58 -4.91
CA PHE A 246 -42.83 -11.63 -3.95
C PHE A 246 -41.70 -12.61 -3.63
N LYS A 247 -40.63 -12.58 -4.43
CA LYS A 247 -39.51 -13.48 -4.22
C LYS A 247 -38.17 -12.79 -4.46
N PHE A 248 -38.14 -11.48 -4.23
CA PHE A 248 -36.93 -10.69 -4.43
C PHE A 248 -35.81 -11.08 -3.48
N CYS A 249 -34.60 -11.13 -4.02
CA CYS A 249 -33.41 -11.48 -3.24
C CYS A 249 -32.26 -10.56 -3.64
N VAL A 250 -31.97 -9.60 -2.78
CA VAL A 250 -30.89 -8.64 -3.03
C VAL A 250 -29.66 -9.37 -3.56
N SER A 251 -29.32 -10.49 -2.94
CA SER A 251 -28.17 -11.29 -3.32
C SER A 251 -28.19 -11.64 -4.81
N CYS A 252 -29.08 -12.54 -5.20
CA CYS A 252 -29.20 -12.96 -6.58
C CYS A 252 -29.11 -11.80 -7.56
N ALA A 253 -29.77 -10.70 -7.22
CA ALA A 253 -29.76 -9.51 -8.08
C ALA A 253 -28.33 -9.02 -8.28
N ARG A 254 -27.57 -8.94 -7.19
CA ARG A 254 -26.18 -8.48 -7.24
C ARG A 254 -25.34 -9.47 -8.03
N LEU A 255 -25.56 -10.76 -7.78
CA LEU A 255 -24.82 -11.81 -8.46
C LEU A 255 -25.15 -11.84 -9.94
N ALA A 256 -26.39 -11.47 -10.28
CA ALA A 256 -26.83 -11.45 -11.67
C ALA A 256 -26.22 -10.29 -12.44
N GLU A 257 -26.19 -9.11 -11.81
CA GLU A 257 -25.64 -7.92 -12.43
C GLU A 257 -24.13 -8.07 -12.56
N MET A 258 -23.50 -8.66 -11.54
CA MET A 258 -22.06 -8.86 -11.54
C MET A 258 -21.65 -9.82 -12.64
N ARG A 259 -22.49 -10.82 -12.90
CA ARG A 259 -22.23 -11.81 -13.94
C ARG A 259 -22.43 -11.19 -15.31
N GLN A 260 -23.32 -10.20 -15.38
CA GLN A 260 -23.60 -9.51 -16.63
C GLN A 260 -22.49 -8.52 -16.98
N LYS A 261 -21.77 -8.06 -15.97
CA LYS A 261 -20.67 -7.13 -16.18
C LYS A 261 -19.42 -7.87 -16.61
N GLU A 262 -19.32 -9.14 -16.21
CA GLU A 262 -18.16 -9.96 -16.56
C GLU A 262 -18.15 -10.30 -18.04
N ILE A 263 -19.09 -11.15 -18.44
CA ILE A 263 -19.22 -11.58 -19.84
C ILE A 263 -19.07 -10.42 -20.82
N PRO A 264 -18.14 -10.53 -21.78
CA PRO A 264 -17.90 -9.49 -22.78
C PRO A 264 -18.92 -9.59 -23.92
N ARG A 265 -19.52 -8.46 -24.27
CA ARG A 265 -20.51 -8.42 -25.34
C ARG A 265 -20.07 -7.52 -26.47
N VAL A 266 -20.87 -7.46 -27.53
CA VAL A 266 -20.57 -6.62 -28.68
C VAL A 266 -21.78 -5.77 -29.06
N LEU A 267 -21.55 -4.72 -29.85
CA LEU A 267 -22.64 -3.84 -30.26
C LEU A 267 -22.80 -3.76 -31.78
N GLU A 268 -22.84 -2.54 -32.30
CA GLU A 268 -23.00 -2.28 -33.73
C GLU A 268 -22.12 -3.16 -34.61
N GLN A 269 -22.62 -3.45 -35.81
CA GLN A 269 -21.90 -4.27 -36.78
C GLN A 269 -21.63 -3.48 -38.05
N LEU A 270 -20.82 -4.03 -38.94
CA LEU A 270 -20.48 -3.33 -40.19
C LEU A 270 -20.64 -4.18 -41.45
N GLU A 271 -20.21 -5.44 -41.38
CA GLU A 271 -20.32 -6.33 -42.54
C GLU A 271 -20.18 -7.81 -42.17
N ASP A 272 -20.59 -8.67 -43.10
CA ASP A 272 -20.51 -10.12 -42.90
C ASP A 272 -19.61 -10.72 -43.98
N LEU A 273 -18.52 -11.34 -43.55
CA LEU A 273 -17.58 -11.95 -44.49
C LEU A 273 -16.88 -13.17 -43.89
N ASP A 274 -16.66 -14.18 -44.73
CA ASP A 274 -16.00 -15.41 -44.31
C ASP A 274 -16.44 -15.86 -42.93
N SER A 275 -17.75 -15.96 -42.75
CA SER A 275 -18.30 -16.38 -41.46
C SER A 275 -17.61 -15.65 -40.32
N ARG A 276 -17.53 -14.33 -40.45
CA ARG A 276 -16.88 -13.48 -39.46
C ARG A 276 -17.38 -12.04 -39.63
N VAL A 277 -18.36 -11.65 -38.82
CA VAL A 277 -18.92 -10.30 -38.88
C VAL A 277 -18.00 -9.27 -38.24
N LEU A 278 -17.83 -8.14 -38.91
CA LEU A 278 -16.98 -7.06 -38.41
C LEU A 278 -17.82 -6.03 -37.68
N TYR A 279 -17.56 -5.88 -36.38
CA TYR A 279 -18.28 -4.92 -35.55
C TYR A 279 -17.49 -3.64 -35.39
N TYR A 280 -18.08 -2.66 -34.72
CA TYR A 280 -17.43 -1.37 -34.49
C TYR A 280 -17.24 -1.07 -33.01
N SER A 281 -18.09 -1.65 -32.18
CA SER A 281 -18.00 -1.42 -30.74
C SER A 281 -18.24 -2.69 -29.93
N ALA A 282 -17.60 -2.76 -28.77
CA ALA A 282 -17.71 -3.90 -27.87
C ALA A 282 -17.46 -3.41 -26.45
N THR A 283 -17.96 -4.16 -25.47
CA THR A 283 -17.78 -3.76 -24.07
C THR A 283 -17.38 -4.91 -23.15
N LYS A 284 -16.68 -4.56 -22.07
CA LYS A 284 -16.21 -5.54 -21.08
C LYS A 284 -16.13 -4.89 -19.71
N ASN A 285 -16.50 -5.63 -18.67
CA ASN A 285 -16.46 -5.12 -17.31
C ASN A 285 -16.78 -3.64 -17.13
N GLY A 286 -17.69 -3.12 -17.94
CA GLY A 286 -18.10 -1.73 -17.83
C GLY A 286 -17.37 -0.71 -18.68
N ILE A 287 -16.37 -1.17 -19.42
CA ILE A 287 -15.60 -0.26 -20.25
C ILE A 287 -16.07 -0.32 -21.71
N LEU A 288 -16.05 0.82 -22.40
CA LEU A 288 -16.49 0.90 -23.78
C LEU A 288 -15.31 0.97 -24.74
N TYR A 289 -15.13 -0.10 -25.51
CA TYR A 289 -14.04 -0.17 -26.48
C TYR A 289 -14.51 0.10 -27.90
N ARG A 290 -14.02 1.19 -28.49
CA ARG A 290 -14.40 1.56 -29.84
C ARG A 290 -13.19 1.46 -30.76
N VAL A 291 -13.45 1.31 -32.06
CA VAL A 291 -12.38 1.21 -33.05
C VAL A 291 -11.59 2.52 -33.13
N GLY A 292 -10.36 2.48 -32.64
CA GLY A 292 -9.52 3.67 -32.67
C GLY A 292 -9.03 4.03 -31.27
N ASP A 293 -9.52 3.31 -30.28
CA ASP A 293 -9.14 3.54 -28.89
C ASP A 293 -7.87 2.78 -28.53
N GLY A 294 -7.38 3.01 -27.32
CA GLY A 294 -6.18 2.33 -26.87
C GLY A 294 -6.56 1.07 -26.11
N VAL A 295 -5.61 0.15 -25.96
CA VAL A 295 -5.88 -1.10 -25.26
C VAL A 295 -4.66 -1.64 -24.54
N TYR A 296 -4.86 -2.13 -23.32
CA TYR A 296 -3.77 -2.72 -22.54
C TYR A 296 -3.81 -4.22 -22.78
N LEU A 297 -2.66 -4.87 -22.68
CA LEU A 297 -2.58 -6.31 -22.90
C LEU A 297 -1.44 -6.97 -22.12
N PRO A 298 -1.66 -8.20 -21.64
CA PRO A 298 -0.63 -8.92 -20.90
C PRO A 298 0.62 -9.04 -21.74
N PRO A 299 1.81 -9.11 -21.11
CA PRO A 299 3.03 -9.22 -21.91
C PRO A 299 3.07 -10.49 -22.76
N GLU A 300 2.19 -11.44 -22.44
CA GLU A 300 2.13 -12.70 -23.18
C GLU A 300 1.26 -12.53 -24.43
N ALA A 301 0.76 -11.32 -24.64
CA ALA A 301 -0.09 -11.02 -25.78
C ALA A 301 0.60 -11.37 -27.09
N PHE A 302 1.66 -10.62 -27.39
CA PHE A 302 2.43 -10.84 -28.61
C PHE A 302 3.90 -10.53 -28.38
N THR A 303 4.72 -10.80 -29.38
CA THR A 303 6.15 -10.55 -29.29
C THR A 303 6.65 -9.78 -30.50
N PHE A 304 7.15 -8.57 -30.26
CA PHE A 304 7.68 -7.71 -31.32
C PHE A 304 8.67 -8.52 -32.14
N ASN A 305 8.66 -8.32 -33.47
CA ASN A 305 9.58 -9.05 -34.33
C ASN A 305 11.04 -8.72 -34.00
N ILE A 306 11.23 -7.85 -33.02
CA ILE A 306 12.57 -7.48 -32.59
C ILE A 306 13.11 -8.61 -31.70
N LYS A 307 14.14 -9.28 -32.20
CA LYS A 307 14.76 -10.39 -31.48
C LYS A 307 14.83 -10.04 -30.00
N LEU A 308 13.94 -10.65 -29.22
CA LEU A 308 13.88 -10.42 -27.78
C LEU A 308 15.29 -10.30 -27.21
N SER A 309 15.60 -9.11 -26.67
CA SER A 309 16.91 -8.86 -26.10
C SER A 309 17.35 -9.99 -25.18
N SER A 310 18.41 -10.69 -25.58
CA SER A 310 18.94 -11.81 -24.80
C SER A 310 20.18 -11.37 -24.02
N PRO A 311 20.29 -11.81 -22.76
CA PRO A 311 21.45 -11.45 -21.94
C PRO A 311 22.75 -11.97 -22.51
N LYS A 317 33.77 -13.75 -11.60
CA LYS A 317 35.20 -13.49 -11.68
C LYS A 317 35.96 -14.48 -10.81
N GLU A 318 37.24 -14.67 -11.12
CA GLU A 318 38.09 -15.59 -10.36
C GLU A 318 37.97 -15.33 -8.86
N PRO A 319 38.27 -16.34 -8.03
CA PRO A 319 38.17 -16.16 -6.58
C PRO A 319 38.96 -14.96 -6.09
N VAL A 320 38.51 -14.36 -5.00
CA VAL A 320 39.16 -13.18 -4.44
C VAL A 320 40.16 -13.61 -3.35
N ASP A 321 41.17 -12.77 -3.12
CA ASP A 321 42.18 -13.06 -2.12
C ASP A 321 41.53 -13.44 -0.79
N GLU A 322 41.42 -14.75 -0.57
CA GLU A 322 40.79 -15.29 0.63
C GLU A 322 41.22 -14.57 1.90
N ASP A 323 42.51 -14.31 2.02
CA ASP A 323 43.04 -13.63 3.20
C ASP A 323 42.82 -12.13 3.26
N LEU A 324 42.76 -11.48 2.10
CA LEU A 324 42.55 -10.03 2.05
C LEU A 324 41.11 -9.64 2.33
N TYR A 325 40.17 -10.40 1.76
CA TYR A 325 38.75 -10.11 1.94
C TYR A 325 38.13 -11.25 2.74
N PRO A 326 38.35 -11.26 4.06
CA PRO A 326 37.85 -12.27 4.98
C PRO A 326 36.34 -12.53 4.93
N GLU A 327 35.57 -11.59 5.47
CA GLU A 327 34.12 -11.71 5.55
C GLU A 327 33.38 -11.77 4.21
N HIS A 328 34.12 -11.80 3.11
CA HIS A 328 33.48 -11.88 1.80
C HIS A 328 32.66 -13.17 1.64
N TYR A 329 33.10 -14.25 2.28
CA TYR A 329 32.41 -15.54 2.16
C TYR A 329 30.97 -15.47 2.63
N ARG A 330 30.72 -14.53 3.53
CA ARG A 330 29.41 -14.34 4.08
C ARG A 330 28.35 -14.05 3.02
N LYS A 331 28.77 -13.73 1.80
CA LYS A 331 27.80 -13.44 0.74
C LYS A 331 27.25 -14.72 0.11
N TYR A 332 26.75 -15.63 0.95
CA TYR A 332 26.19 -16.91 0.52
C TYR A 332 24.91 -16.63 -0.30
N SER A 333 23.85 -16.22 0.38
CA SER A 333 22.57 -15.92 -0.27
C SER A 333 22.45 -14.45 -0.65
N ASN A 340 15.32 -4.87 -9.22
CA ASN A 340 14.23 -4.82 -10.18
C ASN A 340 14.41 -5.88 -11.25
N LEU A 341 15.22 -6.89 -10.94
CA LEU A 341 15.49 -7.98 -11.86
C LEU A 341 14.27 -8.89 -12.00
N ASP A 342 13.47 -8.97 -10.94
CA ASP A 342 12.27 -9.81 -10.94
C ASP A 342 11.07 -9.02 -11.45
N ALA A 343 11.25 -7.72 -11.62
CA ALA A 343 10.20 -6.83 -12.11
C ALA A 343 9.62 -7.28 -13.44
N PRO A 344 8.30 -7.52 -13.49
CA PRO A 344 7.62 -7.95 -14.71
C PRO A 344 7.66 -6.87 -15.78
N GLU A 345 7.12 -7.16 -16.95
CA GLU A 345 7.11 -6.19 -18.04
C GLU A 345 5.82 -5.37 -18.00
N PRO A 346 5.90 -4.10 -18.39
CA PRO A 346 4.72 -3.22 -18.40
C PRO A 346 3.65 -3.81 -19.32
N TYR A 347 2.50 -3.16 -19.39
CA TYR A 347 1.42 -3.63 -20.25
C TYR A 347 1.76 -3.43 -21.73
N ARG A 348 1.12 -4.22 -22.58
CA ARG A 348 1.32 -4.12 -24.02
C ARG A 348 0.24 -3.14 -24.51
N ILE A 349 0.63 -2.20 -25.35
CA ILE A 349 -0.33 -1.21 -25.85
C ILE A 349 -0.58 -1.36 -27.35
N GLY A 350 -1.83 -1.15 -27.76
CA GLY A 350 -2.17 -1.27 -29.16
C GLY A 350 -3.40 -0.49 -29.56
N ARG A 351 -3.54 -0.28 -30.86
CA ARG A 351 -4.68 0.46 -31.42
C ARG A 351 -5.69 -0.56 -31.95
N ILE A 352 -6.95 -0.37 -31.60
CA ILE A 352 -8.00 -1.29 -32.06
C ILE A 352 -8.44 -0.89 -33.47
N LYS A 353 -7.97 -1.62 -34.47
CA LYS A 353 -8.31 -1.34 -35.85
C LYS A 353 -9.62 -2.00 -36.26
N GLU A 354 -9.75 -3.29 -35.96
CA GLU A 354 -10.97 -4.02 -36.30
C GLU A 354 -11.50 -4.79 -35.10
N ILE A 355 -12.79 -5.07 -35.13
CA ILE A 355 -13.46 -5.81 -34.07
C ILE A 355 -14.39 -6.78 -34.78
N PHE A 356 -14.21 -8.07 -34.54
CA PHE A 356 -15.05 -9.05 -35.20
C PHE A 356 -15.27 -10.32 -34.39
N CYS A 357 -15.93 -11.29 -35.01
CA CYS A 357 -16.19 -12.56 -34.35
C CYS A 357 -16.44 -13.66 -35.39
N PRO A 358 -15.78 -14.81 -35.22
CA PRO A 358 -15.94 -15.93 -36.14
C PRO A 358 -17.41 -16.33 -36.22
N LYS A 359 -17.70 -17.38 -36.99
CA LYS A 359 -19.09 -17.83 -37.12
C LYS A 359 -19.20 -19.22 -37.76
N LYS A 360 -20.12 -20.02 -37.22
CA LYS A 360 -20.34 -21.36 -37.72
C LYS A 360 -21.33 -21.26 -38.88
N SER A 361 -20.85 -21.49 -40.09
CA SER A 361 -21.67 -21.40 -41.28
C SER A 361 -23.15 -21.66 -40.99
N ASN A 362 -23.96 -20.62 -41.21
CA ASN A 362 -25.42 -20.62 -40.98
C ASN A 362 -25.73 -19.50 -40.01
N GLY A 363 -24.86 -19.32 -39.02
CA GLY A 363 -25.05 -18.26 -38.05
C GLY A 363 -24.03 -17.18 -38.33
N ARG A 364 -24.29 -15.94 -37.93
CA ARG A 364 -23.34 -14.86 -38.19
C ARG A 364 -22.56 -14.43 -36.93
N PRO A 365 -23.27 -14.09 -35.85
CA PRO A 365 -22.60 -13.67 -34.62
C PRO A 365 -21.98 -14.84 -33.85
N ASN A 366 -21.27 -14.52 -32.78
CA ASN A 366 -20.62 -15.53 -31.94
C ASN A 366 -19.94 -14.89 -30.74
N GLU A 367 -20.48 -15.15 -29.56
CA GLU A 367 -19.95 -14.64 -28.31
C GLU A 367 -18.94 -15.64 -27.76
N THR A 368 -18.30 -15.30 -26.64
CA THR A 368 -17.31 -16.15 -25.98
C THR A 368 -16.05 -16.31 -26.84
N ASP A 369 -16.08 -15.73 -28.03
CA ASP A 369 -14.95 -15.82 -28.95
C ASP A 369 -14.85 -14.56 -29.82
N ILE A 370 -14.72 -13.41 -29.16
CA ILE A 370 -14.57 -12.15 -29.88
C ILE A 370 -13.09 -11.84 -30.02
N LYS A 371 -12.69 -11.51 -31.24
CA LYS A 371 -11.30 -11.20 -31.51
C LYS A 371 -11.09 -9.71 -31.77
N ILE A 372 -9.83 -9.28 -31.73
CA ILE A 372 -9.46 -7.88 -31.99
C ILE A 372 -8.19 -7.68 -32.84
N ARG A 373 -8.29 -6.85 -33.88
CA ARG A 373 -7.15 -6.55 -34.75
C ARG A 373 -6.46 -5.36 -34.10
N VAL A 374 -5.19 -5.51 -33.75
CA VAL A 374 -4.48 -4.42 -33.07
C VAL A 374 -3.13 -4.02 -33.66
N ASN A 375 -2.85 -2.73 -33.58
CA ASN A 375 -1.59 -2.18 -34.06
C ASN A 375 -0.65 -2.17 -32.86
N LYS A 376 0.40 -2.98 -32.89
CA LYS A 376 1.34 -3.04 -31.78
C LYS A 376 2.13 -1.73 -31.57
N PHE A 377 2.27 -1.30 -30.33
CA PHE A 377 3.03 -0.10 -30.09
C PHE A 377 4.38 -0.45 -29.50
N TYR A 378 5.36 0.41 -29.73
CA TYR A 378 6.71 0.17 -29.24
C TYR A 378 7.15 1.11 -28.12
N ARG A 379 7.55 0.52 -27.00
CA ARG A 379 8.05 1.29 -25.86
C ARG A 379 9.54 1.41 -26.15
N PRO A 380 10.18 2.50 -25.74
CA PRO A 380 11.61 2.60 -26.02
C PRO A 380 12.39 1.35 -25.61
N GLU A 381 12.11 0.83 -24.42
CA GLU A 381 12.78 -0.36 -23.92
C GLU A 381 12.39 -1.61 -24.70
N ASN A 382 11.80 -1.42 -25.87
CA ASN A 382 11.38 -2.54 -26.72
C ASN A 382 12.18 -2.61 -28.00
N THR A 383 12.53 -1.45 -28.55
CA THR A 383 13.30 -1.39 -29.79
C THR A 383 14.66 -2.04 -29.60
N HIS A 384 15.49 -1.99 -30.65
CA HIS A 384 16.82 -2.60 -30.58
C HIS A 384 17.63 -1.80 -29.61
N LYS A 385 17.32 -0.52 -29.52
CA LYS A 385 18.06 0.31 -28.62
C LYS A 385 18.02 -0.23 -27.22
N SER A 386 16.99 -1.03 -26.95
CA SER A 386 16.79 -1.67 -25.67
C SER A 386 16.58 -0.76 -24.44
N THR A 387 16.47 -1.42 -23.30
CA THR A 387 16.25 -0.79 -22.01
C THR A 387 16.86 0.59 -21.72
N PRO A 388 18.14 0.80 -22.05
CA PRO A 388 18.74 2.11 -21.78
C PRO A 388 18.04 3.30 -22.44
N ALA A 389 17.14 3.02 -23.38
CA ALA A 389 16.43 4.09 -24.06
C ALA A 389 15.40 4.74 -23.16
N SER A 390 14.94 4.00 -22.15
CA SER A 390 13.95 4.51 -21.21
C SER A 390 14.54 5.43 -20.15
N TYR A 391 15.80 5.79 -20.31
CA TYR A 391 16.47 6.67 -19.36
C TYR A 391 16.01 8.12 -19.50
N HIS A 392 15.87 8.58 -20.73
CA HIS A 392 15.46 9.96 -21.02
C HIS A 392 14.01 10.02 -21.49
N ALA A 393 13.42 8.87 -21.76
CA ALA A 393 12.05 8.81 -22.26
C ALA A 393 10.98 9.13 -21.23
N ASP A 394 9.78 9.42 -21.74
CA ASP A 394 8.63 9.72 -20.90
C ASP A 394 7.94 8.39 -20.64
N ILE A 395 7.57 8.15 -19.39
CA ILE A 395 6.91 6.90 -19.02
C ILE A 395 5.66 6.61 -19.85
N ASN A 396 5.25 7.58 -20.67
CA ASN A 396 4.06 7.40 -21.50
C ASN A 396 4.34 7.66 -22.98
N LEU A 397 5.57 7.38 -23.41
CA LEU A 397 5.95 7.57 -24.80
C LEU A 397 6.05 6.25 -25.55
N LEU A 398 5.48 6.21 -26.75
CA LEU A 398 5.48 5.01 -27.58
C LEU A 398 5.96 5.31 -29.00
N TYR A 399 5.97 4.27 -29.82
CA TYR A 399 6.39 4.37 -31.21
C TYR A 399 5.41 3.58 -32.08
N TRP A 400 4.97 4.19 -33.16
CA TRP A 400 4.03 3.55 -34.07
C TRP A 400 4.73 2.63 -35.04
N SER A 401 4.16 1.46 -35.30
CA SER A 401 4.77 0.56 -36.26
C SER A 401 3.74 0.02 -37.21
N ASP A 402 4.21 -0.72 -38.21
CA ASP A 402 3.34 -1.30 -39.20
C ASP A 402 2.96 -2.75 -38.85
N GLU A 403 3.34 -3.22 -37.67
CA GLU A 403 3.02 -4.60 -37.32
C GLU A 403 1.60 -4.71 -36.75
N GLU A 404 1.01 -5.88 -36.83
CA GLU A 404 -0.33 -6.05 -36.32
C GLU A 404 -0.42 -7.43 -35.70
N ALA A 405 -1.48 -7.64 -34.93
CA ALA A 405 -1.69 -8.92 -34.30
C ALA A 405 -3.10 -9.04 -33.77
N VAL A 406 -3.58 -10.27 -33.85
CA VAL A 406 -4.92 -10.63 -33.42
C VAL A 406 -4.92 -11.22 -32.02
N VAL A 407 -5.72 -10.65 -31.11
CA VAL A 407 -5.77 -11.18 -29.74
C VAL A 407 -7.21 -11.44 -29.28
N ASP A 408 -7.37 -12.47 -28.47
CA ASP A 408 -8.70 -12.83 -27.95
C ASP A 408 -9.19 -11.73 -27.02
N PHE A 409 -10.23 -11.03 -27.45
CA PHE A 409 -10.82 -9.91 -26.69
C PHE A 409 -10.87 -10.08 -25.18
N LYS A 410 -11.28 -11.25 -24.70
CA LYS A 410 -11.36 -11.47 -23.25
C LYS A 410 -10.00 -11.37 -22.59
N ALA A 411 -8.99 -10.98 -23.35
CA ALA A 411 -7.63 -10.88 -22.83
C ALA A 411 -7.19 -9.45 -22.50
N VAL A 412 -7.84 -8.46 -23.10
CA VAL A 412 -7.46 -7.06 -22.83
C VAL A 412 -7.50 -6.82 -21.34
N GLN A 413 -6.66 -5.91 -20.86
CA GLN A 413 -6.59 -5.62 -19.44
C GLN A 413 -6.95 -4.17 -19.12
N GLY A 414 -7.76 -3.56 -19.97
CA GLY A 414 -8.15 -2.18 -19.72
C GLY A 414 -8.30 -1.35 -20.97
N ARG A 415 -8.56 -0.06 -20.77
CA ARG A 415 -8.74 0.88 -21.86
C ARG A 415 -7.79 2.04 -21.62
N CYS A 416 -7.14 2.50 -22.68
CA CYS A 416 -6.19 3.61 -22.56
C CYS A 416 -6.31 4.58 -23.72
N THR A 417 -5.60 5.70 -23.60
CA THR A 417 -5.62 6.73 -24.63
C THR A 417 -4.22 7.01 -25.17
N VAL A 418 -4.05 6.84 -26.47
CA VAL A 418 -2.79 7.10 -27.16
C VAL A 418 -3.06 7.94 -28.40
N GLU A 419 -2.56 9.18 -28.37
CA GLU A 419 -2.76 10.11 -29.47
C GLU A 419 -1.44 10.57 -30.09
N TYR A 420 -1.53 11.17 -31.27
CA TYR A 420 -0.37 11.68 -31.98
C TYR A 420 0.14 12.91 -31.24
N GLY A 421 1.43 12.90 -30.89
CA GLY A 421 2.01 14.01 -30.17
C GLY A 421 1.92 15.38 -30.83
N GLU A 422 1.69 15.41 -32.14
CA GLU A 422 1.58 16.68 -32.86
C GLU A 422 0.17 17.22 -32.92
N ASP A 423 -0.80 16.33 -33.18
CA ASP A 423 -2.19 16.73 -33.26
C ASP A 423 -2.73 17.16 -31.90
N LEU A 424 -1.90 17.03 -30.86
CA LEU A 424 -2.32 17.42 -29.53
C LEU A 424 -2.60 18.92 -29.48
N PRO A 425 -3.86 19.30 -29.29
CA PRO A 425 -4.28 20.71 -29.23
C PRO A 425 -3.81 21.43 -27.97
N GLU A 426 -2.58 21.16 -27.57
CA GLU A 426 -2.03 21.77 -26.37
C GLU A 426 -0.62 21.28 -26.11
N CYS A 427 -0.06 21.70 -24.98
CA CYS A 427 1.28 21.31 -24.60
C CYS A 427 1.30 19.83 -24.19
N VAL A 428 2.26 19.06 -24.71
CA VAL A 428 2.36 17.64 -24.39
C VAL A 428 2.48 17.39 -22.89
N GLN A 429 3.20 18.26 -22.21
CA GLN A 429 3.39 18.12 -20.77
C GLN A 429 2.08 18.35 -20.02
N VAL A 430 1.14 19.03 -20.68
CA VAL A 430 -0.16 19.31 -20.08
C VAL A 430 -1.16 18.19 -20.39
N TYR A 431 -1.10 17.67 -21.61
CA TYR A 431 -1.98 16.59 -22.03
C TYR A 431 -1.94 15.36 -21.14
N SER A 432 -0.73 14.95 -20.77
CA SER A 432 -0.56 13.76 -19.92
C SER A 432 -1.04 13.94 -18.49
N MET A 433 -0.88 15.13 -17.93
CA MET A 433 -1.29 15.41 -16.56
C MET A 433 -2.79 15.57 -16.38
N GLY A 434 -3.51 15.72 -17.49
CA GLY A 434 -4.95 15.89 -17.42
C GLY A 434 -5.75 14.61 -17.52
N GLY A 435 -5.06 13.47 -17.55
CA GLY A 435 -5.76 12.21 -17.66
C GLY A 435 -5.06 11.05 -16.95
N PRO A 436 -5.78 9.95 -16.69
CA PRO A 436 -5.23 8.78 -16.01
C PRO A 436 -4.26 7.99 -16.90
N ASN A 437 -4.80 7.12 -17.74
CA ASN A 437 -3.99 6.32 -18.63
C ASN A 437 -3.88 6.98 -20.00
N ARG A 438 -2.90 7.86 -20.16
CA ARG A 438 -2.71 8.55 -21.42
C ARG A 438 -1.29 8.41 -21.95
N PHE A 439 -1.19 8.03 -23.22
CA PHE A 439 0.10 7.84 -23.89
C PHE A 439 0.17 8.73 -25.13
N TYR A 440 1.33 8.75 -25.78
CA TYR A 440 1.50 9.57 -26.98
C TYR A 440 2.75 9.15 -27.73
N PHE A 441 2.71 9.23 -29.05
CA PHE A 441 3.85 8.89 -29.87
C PHE A 441 4.19 10.04 -30.79
N LEU A 442 5.42 10.05 -31.32
CA LEU A 442 5.85 11.12 -32.21
C LEU A 442 6.52 10.58 -33.47
N GLU A 443 7.02 9.35 -33.39
CA GLU A 443 7.69 8.74 -34.53
C GLU A 443 7.34 7.26 -34.70
N ALA A 444 7.52 6.77 -35.92
CA ALA A 444 7.24 5.38 -36.23
C ALA A 444 8.53 4.57 -36.18
N TYR A 445 8.42 3.32 -35.77
CA TYR A 445 9.58 2.44 -35.66
C TYR A 445 9.46 1.21 -36.56
N ASN A 446 10.57 0.81 -37.15
CA ASN A 446 10.58 -0.36 -38.03
C ASN A 446 11.60 -1.37 -37.49
N ALA A 447 11.13 -2.58 -37.20
CA ALA A 447 11.98 -3.63 -36.66
C ALA A 447 13.04 -4.08 -37.65
N LYS A 448 12.58 -4.48 -38.84
CA LYS A 448 13.50 -4.94 -39.86
C LYS A 448 14.65 -3.99 -40.15
N SER A 449 14.31 -2.76 -40.55
CA SER A 449 15.33 -1.77 -40.86
C SER A 449 15.87 -1.06 -39.60
N LYS A 450 15.44 -1.53 -38.43
CA LYS A 450 15.90 -0.94 -37.17
C LYS A 450 16.02 0.58 -37.27
N SER A 451 15.08 1.20 -37.98
CA SER A 451 15.11 2.65 -38.17
C SER A 451 13.90 3.32 -37.53
N PHE A 452 13.95 4.64 -37.47
CA PHE A 452 12.86 5.43 -36.91
C PHE A 452 12.24 6.34 -37.96
N GLU A 453 11.21 5.82 -38.63
CA GLU A 453 10.51 6.55 -39.67
C GLU A 453 9.46 7.47 -39.06
N ASP A 454 8.67 8.12 -39.92
CA ASP A 454 7.63 9.02 -39.47
C ASP A 454 6.27 8.33 -39.54
N PRO A 455 5.45 8.48 -38.50
CA PRO A 455 4.11 7.87 -38.44
C PRO A 455 3.28 8.17 -39.68
N PRO A 456 2.64 7.14 -40.26
CA PRO A 456 1.81 7.36 -41.45
C PRO A 456 0.76 8.40 -41.13
N ASN A 457 0.14 8.97 -42.16
CA ASN A 457 -0.88 9.98 -41.94
C ASN A 457 -2.17 9.34 -41.45
N HIS A 458 -2.38 8.07 -41.82
CA HIS A 458 -3.58 7.34 -41.43
C HIS A 458 -3.51 6.86 -39.99
N ALA A 459 -2.51 7.33 -39.25
CA ALA A 459 -2.34 6.95 -37.85
C ALA A 459 -2.87 8.03 -36.91
N ARG A 460 -2.90 9.26 -37.38
CA ARG A 460 -3.38 10.38 -36.58
C ARG A 460 -4.84 10.20 -36.20
N SER A 461 -5.26 10.90 -35.16
CA SER A 461 -6.65 10.83 -34.70
C SER A 461 -7.61 11.27 -35.80
N PRO A 462 -8.90 10.91 -35.68
CA PRO A 462 -9.91 11.27 -36.67
C PRO A 462 -9.90 12.75 -37.06
N GLY A 463 -9.38 13.59 -36.17
CA GLY A 463 -9.32 15.01 -36.45
C GLY A 463 -8.61 15.32 -37.76
N LYS A 491 -15.57 20.04 -11.94
CA LYS A 491 -14.89 20.04 -10.65
C LYS A 491 -15.89 20.07 -9.48
N LEU A 492 -15.48 19.51 -8.36
CA LEU A 492 -16.32 19.46 -7.16
C LEU A 492 -15.69 20.24 -6.00
N PRO A 493 -16.51 20.65 -5.01
CA PRO A 493 -16.02 21.39 -3.85
C PRO A 493 -14.96 20.64 -3.06
N LYS A 494 -13.83 21.28 -2.83
CA LYS A 494 -12.72 20.69 -2.08
C LYS A 494 -13.15 20.36 -0.65
N LEU A 495 -12.71 19.21 -0.15
CA LEU A 495 -13.05 18.77 1.20
C LEU A 495 -12.22 19.48 2.27
N ARG A 496 -12.89 19.98 3.31
CA ARG A 496 -12.19 20.65 4.40
C ARG A 496 -11.51 19.57 5.22
N THR A 497 -10.20 19.43 5.04
CA THR A 497 -9.42 18.41 5.72
C THR A 497 -8.67 18.85 6.97
N LEU A 498 -8.61 17.92 7.94
CA LEU A 498 -7.92 18.11 9.20
C LEU A 498 -6.90 16.99 9.28
N ASP A 499 -5.62 17.33 9.21
CA ASP A 499 -4.57 16.32 9.25
C ASP A 499 -3.72 16.35 10.53
N VAL A 500 -4.09 15.53 11.49
CA VAL A 500 -3.34 15.42 12.74
C VAL A 500 -2.20 14.47 12.43
N PHE A 501 -1.06 14.67 13.09
CA PHE A 501 0.13 13.86 12.83
C PHE A 501 0.52 14.23 11.41
N SER A 502 0.32 15.50 11.07
CA SER A 502 0.63 16.01 9.74
C SER A 502 2.08 15.89 9.31
N GLY A 503 2.99 15.96 10.27
CA GLY A 503 4.40 15.87 9.93
C GLY A 503 4.75 17.04 9.04
N CYS A 504 5.66 16.83 8.09
CA CYS A 504 6.06 17.88 7.18
C CYS A 504 4.98 18.10 6.13
N GLY A 505 3.93 17.30 6.19
CA GLY A 505 2.84 17.43 5.24
C GLY A 505 2.98 16.46 4.07
N GLY A 506 3.26 15.20 4.38
CA GLY A 506 3.41 14.19 3.34
C GLY A 506 2.09 13.80 2.71
N LEU A 507 1.27 13.10 3.49
CA LEU A 507 -0.04 12.64 3.03
C LEU A 507 -0.92 13.79 2.52
N SER A 508 -0.83 14.94 3.19
CA SER A 508 -1.61 16.10 2.80
C SER A 508 -1.25 16.55 1.39
N GLU A 509 0.05 16.59 1.12
CA GLU A 509 0.55 17.00 -0.20
C GLU A 509 -0.04 16.16 -1.32
N GLY A 510 -0.24 14.88 -1.05
CA GLY A 510 -0.80 13.99 -2.05
C GLY A 510 -2.21 14.36 -2.46
N PHE A 511 -3.06 14.67 -1.49
CA PHE A 511 -4.44 15.04 -1.76
C PHE A 511 -4.54 16.39 -2.46
N HIS A 512 -3.67 17.33 -2.08
CA HIS A 512 -3.68 18.65 -2.69
C HIS A 512 -3.28 18.57 -4.15
N GLN A 513 -2.70 17.44 -4.54
CA GLN A 513 -2.29 17.23 -5.93
C GLN A 513 -3.44 16.56 -6.67
N ALA A 514 -4.21 15.78 -5.93
CA ALA A 514 -5.36 15.07 -6.49
C ALA A 514 -6.59 15.98 -6.47
N GLY A 515 -6.43 17.17 -5.90
CA GLY A 515 -7.51 18.13 -5.83
C GLY A 515 -8.77 17.50 -5.23
N ILE A 516 -8.61 16.88 -4.07
CA ILE A 516 -9.72 16.23 -3.38
C ILE A 516 -9.97 16.84 -2.01
N SER A 517 -8.91 17.33 -1.38
CA SER A 517 -9.02 17.91 -0.05
C SER A 517 -8.51 19.33 0.04
N ASP A 518 -8.57 19.87 1.25
CA ASP A 518 -8.11 21.23 1.52
C ASP A 518 -7.76 21.32 3.01
N THR A 519 -6.51 20.97 3.33
CA THR A 519 -6.04 20.99 4.71
C THR A 519 -6.10 22.41 5.28
N LEU A 520 -6.99 22.61 6.24
CA LEU A 520 -7.15 23.91 6.89
C LEU A 520 -6.65 23.87 8.32
N TRP A 521 -6.54 22.67 8.86
CA TRP A 521 -6.07 22.49 10.24
C TRP A 521 -5.09 21.33 10.34
N ALA A 522 -3.89 21.62 10.85
CA ALA A 522 -2.86 20.59 11.00
C ALA A 522 -2.35 20.53 12.44
N ILE A 523 -2.31 19.32 12.99
CA ILE A 523 -1.85 19.11 14.36
C ILE A 523 -0.49 18.41 14.39
N GLU A 524 0.54 19.13 14.83
CA GLU A 524 1.90 18.61 14.90
C GLU A 524 2.60 19.09 16.16
N MET A 525 3.03 18.16 17.01
CA MET A 525 3.70 18.50 18.26
C MET A 525 5.13 18.92 18.00
N TRP A 526 5.83 18.15 17.18
CA TRP A 526 7.21 18.44 16.85
C TRP A 526 7.29 19.76 16.10
N ASP A 527 7.82 20.78 16.78
CA ASP A 527 7.96 22.11 16.21
C ASP A 527 8.56 22.13 14.80
N PRO A 528 9.67 21.42 14.59
CA PRO A 528 10.31 21.39 13.27
C PRO A 528 9.34 21.09 12.13
N ALA A 529 8.69 19.93 12.20
CA ALA A 529 7.73 19.52 11.19
C ALA A 529 6.60 20.54 11.04
N ALA A 530 6.00 20.92 12.17
CA ALA A 530 4.91 21.89 12.17
C ALA A 530 5.28 23.12 11.37
N GLN A 531 6.41 23.73 11.71
CA GLN A 531 6.89 24.92 11.02
C GLN A 531 6.97 24.66 9.52
N ALA A 532 7.55 23.54 9.15
CA ALA A 532 7.70 23.15 7.76
C ALA A 532 6.35 23.09 7.05
N PHE A 533 5.37 22.46 7.70
CA PHE A 533 4.04 22.34 7.14
C PHE A 533 3.52 23.72 6.75
N ARG A 534 3.65 24.68 7.65
CA ARG A 534 3.19 26.04 7.39
C ARG A 534 3.84 26.60 6.13
N LEU A 535 5.10 26.22 5.90
CA LEU A 535 5.83 26.70 4.73
C LEU A 535 5.27 26.15 3.43
N ASN A 536 4.44 25.13 3.52
CA ASN A 536 3.85 24.52 2.33
C ASN A 536 2.34 24.71 2.27
N ASN A 537 1.73 24.97 3.42
CA ASN A 537 0.28 25.17 3.50
C ASN A 537 -0.01 26.43 4.31
N PRO A 538 0.26 27.61 3.73
CA PRO A 538 0.04 28.91 4.37
C PRO A 538 -1.43 29.24 4.64
N GLY A 539 -2.32 28.58 3.91
CA GLY A 539 -3.74 28.83 4.09
C GLY A 539 -4.37 28.09 5.26
N SER A 540 -3.55 27.36 6.01
CA SER A 540 -4.06 26.60 7.15
C SER A 540 -3.26 26.86 8.43
N THR A 541 -3.98 27.08 9.53
CA THR A 541 -3.35 27.32 10.82
C THR A 541 -2.90 25.99 11.42
N VAL A 542 -1.62 25.91 11.78
CA VAL A 542 -1.08 24.70 12.36
C VAL A 542 -1.04 24.72 13.88
N PHE A 543 -1.71 23.75 14.49
CA PHE A 543 -1.76 23.65 15.93
C PHE A 543 -0.54 22.85 16.40
N THR A 544 0.54 23.57 16.71
CA THR A 544 1.76 22.93 17.16
C THR A 544 1.72 22.57 18.64
N GLU A 545 1.00 21.49 18.96
CA GLU A 545 0.85 21.01 20.32
C GLU A 545 0.41 19.55 20.32
N ASP A 546 0.12 19.00 21.50
CA ASP A 546 -0.32 17.61 21.63
C ASP A 546 -1.75 17.44 21.12
N CYS A 547 -2.06 16.26 20.58
CA CYS A 547 -3.41 16.02 20.07
C CYS A 547 -4.39 15.80 21.21
N ASN A 548 -3.96 15.09 22.25
CA ASN A 548 -4.81 14.81 23.40
C ASN A 548 -5.24 16.09 24.09
N ILE A 549 -4.46 17.15 23.91
CA ILE A 549 -4.78 18.44 24.52
C ILE A 549 -5.96 19.12 23.85
N LEU A 550 -5.86 19.35 22.54
CA LEU A 550 -6.93 19.99 21.78
C LEU A 550 -8.28 19.33 21.92
N LEU A 551 -8.35 18.03 21.64
CA LEU A 551 -9.61 17.31 21.75
C LEU A 551 -10.18 17.43 23.15
N LYS A 552 -9.30 17.60 24.13
CA LYS A 552 -9.71 17.75 25.52
C LYS A 552 -10.30 19.13 25.73
N LEU A 553 -10.07 20.02 24.76
CA LEU A 553 -10.57 21.39 24.83
C LEU A 553 -11.93 21.50 24.15
N VAL A 554 -11.94 21.26 22.84
CA VAL A 554 -13.19 21.34 22.07
C VAL A 554 -14.29 20.51 22.70
N MET A 555 -13.93 19.34 23.23
CA MET A 555 -14.92 18.48 23.87
C MET A 555 -15.47 19.17 25.12
N ALA A 556 -14.60 19.93 25.78
CA ALA A 556 -14.99 20.67 26.98
C ALA A 556 -15.60 21.98 26.52
N GLY A 557 -15.77 22.08 25.20
CA GLY A 557 -16.35 23.28 24.61
C GLY A 557 -15.47 24.50 24.73
N GLU A 558 -14.78 24.83 23.65
CA GLU A 558 -13.91 26.00 23.62
C GLU A 558 -13.81 26.51 22.19
N THR A 559 -13.41 27.78 22.04
CA THR A 559 -13.31 28.38 20.72
C THR A 559 -11.87 28.58 20.25
N THR A 560 -10.98 28.88 21.20
CA THR A 560 -9.57 29.11 20.85
C THR A 560 -8.61 28.49 21.86
N ASN A 561 -7.33 28.46 21.50
CA ASN A 561 -6.29 27.92 22.36
C ASN A 561 -5.45 29.06 22.91
N SER A 562 -4.46 28.72 23.73
CA SER A 562 -3.58 29.72 24.32
C SER A 562 -3.05 30.73 23.30
N ARG A 563 -2.41 30.22 22.25
CA ARG A 563 -1.86 31.07 21.20
C ARG A 563 -2.94 31.98 20.62
N GLY A 564 -4.16 31.45 20.57
CA GLY A 564 -5.27 32.23 20.04
C GLY A 564 -5.60 31.86 18.60
N GLN A 565 -6.00 30.61 18.40
CA GLN A 565 -6.34 30.11 17.08
C GLN A 565 -7.72 29.46 17.05
N ARG A 566 -8.42 29.61 15.94
CA ARG A 566 -9.75 29.04 15.78
C ARG A 566 -9.67 27.51 15.75
N LEU A 567 -10.32 26.86 16.70
CA LEU A 567 -10.31 25.41 16.78
C LEU A 567 -11.44 24.79 15.95
N PRO A 568 -11.16 23.66 15.28
CA PRO A 568 -12.16 22.97 14.46
C PRO A 568 -13.34 22.50 15.30
N GLN A 569 -14.54 22.80 14.86
CA GLN A 569 -15.75 22.40 15.57
C GLN A 569 -16.63 21.44 14.77
N LYS A 570 -17.54 20.78 15.47
CA LYS A 570 -18.48 19.83 14.86
C LYS A 570 -18.98 20.33 13.51
N GLY A 571 -18.75 19.56 12.46
CA GLY A 571 -19.20 19.94 11.14
C GLY A 571 -18.18 20.66 10.29
N ASP A 572 -17.26 21.39 10.91
CA ASP A 572 -16.25 22.12 10.15
C ASP A 572 -15.38 21.17 9.32
N VAL A 573 -15.02 20.04 9.93
CA VAL A 573 -14.18 19.04 9.27
C VAL A 573 -14.95 18.06 8.39
N GLU A 574 -14.60 18.02 7.11
CA GLU A 574 -15.22 17.12 6.15
C GLU A 574 -14.42 15.83 6.06
N MET A 575 -13.10 15.96 5.99
CA MET A 575 -12.20 14.82 5.89
C MET A 575 -11.14 14.80 6.99
N LEU A 576 -10.86 13.59 7.48
CA LEU A 576 -9.86 13.39 8.54
C LEU A 576 -8.83 12.38 8.07
N CYS A 577 -7.56 12.68 8.28
CA CYS A 577 -6.49 11.77 7.89
C CYS A 577 -5.24 11.98 8.73
N GLY A 578 -4.32 11.01 8.68
CA GLY A 578 -3.09 11.12 9.45
C GLY A 578 -2.44 9.79 9.76
N GLY A 579 -1.20 9.83 10.23
CA GLY A 579 -0.49 8.61 10.55
C GLY A 579 -0.07 8.54 12.01
N PRO A 580 -0.92 7.96 12.87
CA PRO A 580 -0.68 7.81 14.31
C PRO A 580 0.57 6.98 14.62
N PRO A 581 1.56 7.59 15.28
CA PRO A 581 2.78 6.86 15.63
C PRO A 581 2.48 5.72 16.59
N CYS A 582 2.75 4.49 16.15
CA CYS A 582 2.50 3.32 16.96
C CYS A 582 3.75 3.04 17.78
N GLN A 583 3.81 3.59 18.99
CA GLN A 583 4.98 3.44 19.85
C GLN A 583 4.79 2.53 21.07
N GLY A 584 3.89 2.92 21.97
CA GLY A 584 3.66 2.16 23.18
C GLY A 584 3.31 0.69 23.06
N PHE A 585 3.50 0.10 21.89
CA PHE A 585 3.18 -1.32 21.71
C PHE A 585 3.55 -1.89 20.34
N SER A 586 4.79 -1.67 19.91
CA SER A 586 5.24 -2.17 18.61
C SER A 586 5.45 -3.68 18.65
N GLY A 587 4.84 -4.32 19.65
CA GLY A 587 4.98 -5.75 19.81
C GLY A 587 4.42 -6.61 18.69
N MET A 588 4.15 -7.87 19.03
CA MET A 588 3.61 -8.86 18.10
C MET A 588 3.03 -10.01 18.92
N ASN A 589 3.33 -10.00 20.22
CA ASN A 589 2.86 -11.03 21.14
C ASN A 589 1.44 -10.73 21.60
N ARG A 590 0.80 -11.73 22.19
CA ARG A 590 -0.55 -11.58 22.70
C ARG A 590 -0.66 -10.36 23.61
N PHE A 591 -1.84 -9.75 23.61
CA PHE A 591 -2.10 -8.57 24.43
C PHE A 591 -2.29 -8.98 25.89
N ASN A 592 -1.98 -8.07 26.82
CA ASN A 592 -2.15 -8.34 28.24
C ASN A 592 -2.62 -7.09 28.97
N SER A 593 -3.35 -7.30 30.06
CA SER A 593 -3.88 -6.21 30.88
C SER A 593 -2.94 -5.02 31.02
N ARG A 594 -1.65 -5.30 31.22
CA ARG A 594 -0.65 -4.25 31.40
C ARG A 594 -0.42 -3.46 30.12
N THR A 595 -0.10 -4.15 29.03
CA THR A 595 0.14 -3.48 27.75
C THR A 595 -1.16 -2.98 27.13
N TYR A 596 -2.23 -3.76 27.26
CA TYR A 596 -3.52 -3.37 26.72
C TYR A 596 -3.91 -2.01 27.26
N SER A 597 -3.72 -1.82 28.56
CA SER A 597 -4.04 -0.56 29.20
C SER A 597 -3.19 0.54 28.58
N LYS A 598 -1.94 0.20 28.23
CA LYS A 598 -1.02 1.14 27.62
C LYS A 598 -1.49 1.47 26.21
N PHE A 599 -2.42 0.65 25.71
CA PHE A 599 -2.97 0.85 24.37
C PHE A 599 -4.18 1.77 24.41
N LYS A 600 -5.06 1.54 25.37
CA LYS A 600 -6.26 2.35 25.54
C LYS A 600 -5.93 3.81 25.79
N ASN A 601 -4.63 4.13 25.89
CA ASN A 601 -4.19 5.49 26.13
C ASN A 601 -3.16 5.89 25.08
N SER A 602 -3.14 5.15 23.98
CA SER A 602 -2.19 5.40 22.89
C SER A 602 -2.58 6.63 22.08
N LEU A 603 -2.01 6.73 20.87
CA LEU A 603 -2.30 7.85 19.98
C LEU A 603 -3.12 7.33 18.81
N VAL A 604 -3.45 6.04 18.86
CA VAL A 604 -4.26 5.42 17.83
C VAL A 604 -5.72 5.66 18.17
N VAL A 605 -6.07 5.42 19.44
CA VAL A 605 -7.44 5.61 19.90
C VAL A 605 -7.77 7.11 19.88
N SER A 606 -6.79 7.94 20.23
CA SER A 606 -6.98 9.39 20.24
C SER A 606 -7.38 9.83 18.84
N PHE A 607 -6.82 9.16 17.83
CA PHE A 607 -7.13 9.48 16.45
C PHE A 607 -8.55 9.03 16.19
N LEU A 608 -8.94 7.91 16.80
CA LEU A 608 -10.28 7.38 16.65
C LEU A 608 -11.28 8.33 17.33
N SER A 609 -10.86 8.89 18.46
CA SER A 609 -11.70 9.83 19.20
C SER A 609 -11.98 11.06 18.36
N TYR A 610 -10.96 11.53 17.65
CA TYR A 610 -11.11 12.69 16.78
C TYR A 610 -12.11 12.30 15.69
N CYS A 611 -12.03 11.06 15.24
CA CYS A 611 -12.92 10.54 14.21
C CYS A 611 -14.33 10.37 14.76
N ASP A 612 -14.45 10.48 16.08
CA ASP A 612 -15.73 10.32 16.74
C ASP A 612 -16.45 11.65 16.95
N TYR A 613 -15.72 12.63 17.49
CA TYR A 613 -16.30 13.95 17.75
C TYR A 613 -16.29 14.83 16.50
N TYR A 614 -16.19 14.20 15.33
CA TYR A 614 -16.19 14.93 14.07
C TYR A 614 -16.96 14.20 12.98
N ARG A 615 -17.13 12.90 13.17
CA ARG A 615 -17.85 12.05 12.21
C ARG A 615 -17.68 12.59 10.79
N PRO A 616 -16.43 12.76 10.33
CA PRO A 616 -16.14 13.27 8.99
C PRO A 616 -16.57 12.31 7.88
N ARG A 617 -16.76 12.84 6.68
CA ARG A 617 -17.17 12.03 5.55
C ARG A 617 -16.15 10.94 5.24
N PHE A 618 -14.88 11.32 5.21
CA PHE A 618 -13.82 10.37 4.91
C PHE A 618 -12.69 10.40 5.94
N PHE A 619 -12.43 9.23 6.50
CA PHE A 619 -11.39 9.06 7.51
C PHE A 619 -10.31 8.10 7.01
N LEU A 620 -9.06 8.54 7.04
CA LEU A 620 -7.95 7.73 6.59
C LEU A 620 -6.87 7.56 7.65
N LEU A 621 -6.48 6.31 7.87
CA LEU A 621 -5.44 5.99 8.85
C LEU A 621 -4.31 5.20 8.21
N GLU A 622 -3.25 5.90 7.82
CA GLU A 622 -2.10 5.27 7.20
C GLU A 622 -1.11 4.92 8.30
N ASN A 623 -0.31 3.88 8.06
CA ASN A 623 0.67 3.45 9.05
C ASN A 623 1.55 2.37 8.45
N VAL A 624 2.54 1.92 9.23
CA VAL A 624 3.45 0.87 8.78
C VAL A 624 2.66 -0.37 8.40
N ARG A 625 3.29 -1.25 7.63
CA ARG A 625 2.64 -2.47 7.19
C ARG A 625 2.25 -3.39 8.34
N ASN A 626 3.19 -3.65 9.25
CA ASN A 626 2.95 -4.52 10.38
C ASN A 626 1.86 -4.07 11.33
N PHE A 627 1.11 -3.04 10.94
CA PHE A 627 0.02 -2.53 11.76
C PHE A 627 -1.11 -3.56 11.72
N VAL A 628 -1.16 -4.29 10.61
CA VAL A 628 -2.18 -5.30 10.40
C VAL A 628 -1.90 -6.60 11.14
N SER A 629 -0.79 -6.65 11.88
CA SER A 629 -0.45 -7.86 12.60
C SER A 629 0.01 -7.63 14.04
N PHE A 630 0.25 -6.37 14.41
CA PHE A 630 0.68 -6.07 15.77
C PHE A 630 -0.22 -6.73 16.80
N LYS A 631 0.37 -7.08 17.94
CA LYS A 631 -0.37 -7.73 19.02
C LYS A 631 -1.37 -8.78 18.52
N ARG A 632 -0.89 -9.68 17.68
CA ARG A 632 -1.72 -10.74 17.12
C ARG A 632 -2.84 -10.16 16.26
N SER A 633 -2.53 -9.11 15.52
CA SER A 633 -3.50 -8.45 14.64
C SER A 633 -4.62 -7.78 15.44
N MET A 634 -4.52 -7.85 16.76
CA MET A 634 -5.54 -7.27 17.62
C MET A 634 -5.74 -5.78 17.40
N VAL A 635 -4.67 -5.00 17.51
CA VAL A 635 -4.75 -3.56 17.33
C VAL A 635 -5.54 -3.18 16.07
N LEU A 636 -5.40 -3.99 15.02
CA LEU A 636 -6.12 -3.73 13.79
C LEU A 636 -7.59 -4.02 13.97
N LYS A 637 -7.91 -5.23 14.44
CA LYS A 637 -9.28 -5.63 14.66
C LYS A 637 -10.05 -4.65 15.55
N LEU A 638 -9.36 -4.10 16.55
CA LEU A 638 -9.99 -3.17 17.47
C LEU A 638 -10.33 -1.83 16.80
N THR A 639 -9.40 -1.28 16.04
CA THR A 639 -9.64 0.00 15.37
C THR A 639 -10.73 -0.13 14.31
N LEU A 640 -11.02 -1.38 13.92
CA LEU A 640 -12.07 -1.63 12.94
C LEU A 640 -13.39 -1.78 13.68
N ARG A 641 -13.38 -2.60 14.72
CA ARG A 641 -14.58 -2.80 15.53
C ARG A 641 -14.99 -1.45 16.11
N CYS A 642 -13.99 -0.58 16.27
CA CYS A 642 -14.21 0.75 16.80
C CYS A 642 -14.94 1.59 15.76
N LEU A 643 -14.48 1.53 14.51
CA LEU A 643 -15.10 2.28 13.43
C LEU A 643 -16.48 1.72 13.10
N VAL A 644 -16.60 0.40 13.14
CA VAL A 644 -17.87 -0.26 12.85
C VAL A 644 -18.86 0.07 13.95
N ARG A 645 -18.35 0.22 15.17
CA ARG A 645 -19.19 0.55 16.31
C ARG A 645 -19.84 1.91 16.08
N MET A 646 -19.10 2.80 15.42
CA MET A 646 -19.59 4.13 15.10
C MET A 646 -20.48 4.08 13.86
N GLY A 647 -20.83 2.86 13.46
CA GLY A 647 -21.68 2.69 12.29
C GLY A 647 -21.02 3.21 11.03
N TYR A 648 -19.70 3.14 11.00
CA TYR A 648 -18.91 3.62 9.85
C TYR A 648 -18.72 2.56 8.79
N GLN A 649 -18.43 3.01 7.57
CA GLN A 649 -18.16 2.09 6.47
C GLN A 649 -16.64 2.07 6.41
N CYS A 650 -16.04 0.90 6.59
CA CYS A 650 -14.59 0.83 6.57
C CYS A 650 -14.02 -0.44 5.95
N THR A 651 -12.75 -0.35 5.56
CA THR A 651 -12.02 -1.45 4.94
C THR A 651 -10.55 -1.25 5.26
N PHE A 652 -9.70 -2.18 4.84
CA PHE A 652 -8.27 -2.07 5.09
C PHE A 652 -7.48 -2.86 4.05
N GLY A 653 -6.24 -2.43 3.83
CA GLY A 653 -5.39 -3.11 2.87
C GLY A 653 -3.94 -2.67 2.99
N VAL A 654 -3.10 -3.21 2.11
CA VAL A 654 -1.69 -2.86 2.11
C VAL A 654 -1.24 -2.42 0.72
N LEU A 655 -0.49 -1.33 0.66
CA LEU A 655 -0.01 -0.81 -0.61
C LEU A 655 1.51 -0.71 -0.67
N GLN A 656 2.06 -0.87 -1.87
CA GLN A 656 3.50 -0.80 -2.09
C GLN A 656 3.86 0.49 -2.81
N ALA A 657 4.19 1.51 -2.03
CA ALA A 657 4.56 2.82 -2.54
C ALA A 657 5.27 2.78 -3.89
N GLY A 658 6.10 1.76 -4.08
CA GLY A 658 6.81 1.63 -5.33
C GLY A 658 5.92 1.55 -6.56
N GLN A 659 4.87 0.73 -6.47
CA GLN A 659 3.93 0.55 -7.58
C GLN A 659 3.20 1.82 -7.99
N TYR A 660 3.45 2.93 -7.30
CA TYR A 660 2.77 4.17 -7.63
C TYR A 660 3.66 5.34 -8.00
N GLY A 661 4.84 5.05 -8.54
CA GLY A 661 5.75 6.11 -8.94
C GLY A 661 6.86 6.45 -7.97
N VAL A 662 7.45 5.43 -7.37
CA VAL A 662 8.54 5.65 -6.42
C VAL A 662 9.53 4.49 -6.43
N ALA A 663 10.81 4.82 -6.56
CA ALA A 663 11.87 3.81 -6.57
C ALA A 663 12.20 3.54 -5.11
N GLN A 664 11.30 2.85 -4.43
CA GLN A 664 11.48 2.54 -3.02
C GLN A 664 10.54 1.44 -2.55
N THR A 665 11.03 0.58 -1.67
CA THR A 665 10.22 -0.49 -1.12
C THR A 665 9.60 0.05 0.16
N ARG A 666 8.32 0.43 0.09
CA ARG A 666 7.65 1.01 1.23
C ARG A 666 6.20 0.52 1.40
N ARG A 667 6.03 -0.70 1.89
CA ARG A 667 4.70 -1.23 2.09
C ARG A 667 4.11 -0.56 3.32
N ARG A 668 2.86 -0.09 3.20
CA ARG A 668 2.21 0.57 4.32
C ARG A 668 0.76 0.11 4.44
N ALA A 669 0.23 0.17 5.66
CA ALA A 669 -1.14 -0.24 5.93
C ALA A 669 -2.08 0.95 5.73
N ILE A 670 -3.31 0.65 5.32
CA ILE A 670 -4.30 1.70 5.07
C ILE A 670 -5.69 1.34 5.60
N ILE A 671 -6.26 2.23 6.39
CA ILE A 671 -7.59 2.02 6.95
C ILE A 671 -8.52 3.11 6.43
N LEU A 672 -9.41 2.73 5.53
CA LEU A 672 -10.36 3.68 4.94
C LEU A 672 -11.73 3.59 5.58
N ALA A 673 -12.33 4.75 5.84
CA ALA A 673 -13.66 4.82 6.44
C ALA A 673 -14.48 5.90 5.74
N ALA A 674 -15.77 5.65 5.59
CA ALA A 674 -16.66 6.61 4.95
C ALA A 674 -17.97 6.76 5.70
N ALA A 675 -18.49 7.97 5.72
CA ALA A 675 -19.75 8.27 6.41
C ALA A 675 -20.86 7.36 5.88
N PRO A 676 -21.89 7.12 6.70
CA PRO A 676 -23.03 6.26 6.34
C PRO A 676 -23.74 6.65 5.06
N GLY A 677 -23.53 7.90 4.60
CA GLY A 677 -24.17 8.35 3.39
C GLY A 677 -23.25 8.50 2.19
N GLU A 678 -22.08 7.87 2.24
CA GLU A 678 -21.12 7.94 1.15
C GLU A 678 -20.77 6.57 0.59
N LYS A 679 -19.84 6.55 -0.36
CA LYS A 679 -19.40 5.29 -0.97
C LYS A 679 -17.98 4.98 -0.50
N LEU A 680 -17.79 3.78 0.03
CA LEU A 680 -16.48 3.37 0.52
C LEU A 680 -15.49 3.25 -0.63
N PRO A 681 -14.47 4.13 -0.65
CA PRO A 681 -13.43 4.17 -1.68
C PRO A 681 -12.73 2.84 -1.94
N LEU A 682 -12.30 2.66 -3.19
CA LEU A 682 -11.58 1.46 -3.59
C LEU A 682 -10.09 1.77 -3.45
N PHE A 683 -9.26 0.73 -3.50
CA PHE A 683 -7.83 0.93 -3.38
C PHE A 683 -7.21 1.27 -4.72
N PRO A 684 -6.20 2.15 -4.72
CA PRO A 684 -5.50 2.58 -5.93
C PRO A 684 -4.99 1.39 -6.73
N GLU A 685 -5.03 1.51 -8.06
CA GLU A 685 -4.56 0.43 -8.90
C GLU A 685 -3.14 0.74 -9.35
N PRO A 686 -2.19 -0.18 -9.06
CA PRO A 686 -0.78 -0.05 -9.42
C PRO A 686 -0.55 0.60 -10.79
N LEU A 687 0.23 1.68 -10.80
CA LEU A 687 0.53 2.39 -12.04
C LEU A 687 1.87 1.96 -12.63
N HIS A 688 2.75 1.46 -11.77
CA HIS A 688 4.08 1.03 -12.19
C HIS A 688 4.37 -0.41 -11.82
N VAL A 689 5.17 -1.08 -12.64
CA VAL A 689 5.53 -2.46 -12.38
C VAL A 689 6.57 -2.47 -11.27
N PHE A 690 6.61 -3.54 -10.48
CA PHE A 690 7.56 -3.60 -9.38
C PHE A 690 7.95 -5.03 -9.03
N ALA A 691 9.15 -5.20 -8.47
CA ALA A 691 9.66 -6.50 -8.08
C ALA A 691 8.70 -7.26 -7.18
N PRO A 692 8.14 -8.38 -7.66
CA PRO A 692 7.19 -9.22 -6.94
C PRO A 692 7.59 -9.53 -5.50
N ARG A 693 8.87 -9.39 -5.20
CA ARG A 693 9.37 -9.66 -3.86
C ARG A 693 8.79 -8.71 -2.82
N ALA A 694 8.83 -7.41 -3.12
CA ALA A 694 8.31 -6.39 -2.21
C ALA A 694 6.83 -6.10 -2.47
N CYS A 695 6.05 -7.15 -2.76
CA CYS A 695 4.64 -6.99 -3.03
C CYS A 695 3.78 -8.07 -2.37
N GLN A 696 4.10 -8.40 -1.12
CA GLN A 696 3.34 -9.40 -0.39
C GLN A 696 2.13 -8.68 0.22
N LEU A 697 1.41 -7.98 -0.65
CA LEU A 697 0.23 -7.20 -0.28
C LEU A 697 -0.78 -7.95 0.58
N SER A 698 -0.99 -9.24 0.28
CA SER A 698 -1.94 -10.05 1.04
C SER A 698 -1.72 -9.92 2.55
N VAL A 699 -2.78 -10.15 3.32
CA VAL A 699 -2.73 -10.07 4.77
C VAL A 699 -3.59 -11.17 5.39
N VAL A 700 -3.08 -11.81 6.43
CA VAL A 700 -3.81 -12.89 7.09
C VAL A 700 -4.09 -12.61 8.57
N VAL A 701 -5.32 -12.89 8.98
CA VAL A 701 -5.76 -12.69 10.35
C VAL A 701 -6.53 -13.92 10.82
N ASP A 702 -5.99 -14.61 11.83
CA ASP A 702 -6.62 -15.81 12.38
C ASP A 702 -7.06 -16.81 11.32
N ASP A 703 -6.10 -17.38 10.60
CA ASP A 703 -6.37 -18.37 9.56
C ASP A 703 -7.33 -17.88 8.47
N LYS A 704 -7.27 -16.58 8.17
CA LYS A 704 -8.13 -16.00 7.14
C LYS A 704 -7.34 -15.02 6.27
N LYS A 705 -7.09 -15.40 5.04
CA LYS A 705 -6.35 -14.54 4.11
C LYS A 705 -7.25 -13.47 3.50
N PHE A 706 -6.89 -12.23 3.75
CA PHE A 706 -7.64 -11.09 3.23
C PHE A 706 -6.79 -10.34 2.21
N VAL A 707 -7.42 -9.85 1.16
CA VAL A 707 -6.71 -9.11 0.12
C VAL A 707 -7.35 -7.74 -0.09
N SER A 708 -7.31 -7.25 -1.33
CA SER A 708 -7.90 -5.96 -1.64
C SER A 708 -8.60 -5.98 -2.99
N ASN A 709 -9.13 -4.84 -3.39
CA ASN A 709 -9.84 -4.70 -4.65
C ASN A 709 -8.89 -4.50 -5.82
N ILE A 710 -7.60 -4.70 -5.57
CA ILE A 710 -6.59 -4.52 -6.60
C ILE A 710 -6.54 -5.71 -7.56
N THR A 711 -6.53 -5.41 -8.86
CA THR A 711 -6.49 -6.44 -9.88
C THR A 711 -5.06 -6.65 -10.36
N ARG A 712 -4.42 -5.56 -10.78
CA ARG A 712 -3.05 -5.62 -11.25
C ARG A 712 -2.15 -5.99 -10.09
N LEU A 713 -1.76 -7.25 -10.01
CA LEU A 713 -0.89 -7.69 -8.93
C LEU A 713 0.47 -8.02 -9.54
N SER A 714 0.52 -7.99 -10.87
CA SER A 714 1.75 -8.26 -11.61
C SER A 714 2.13 -7.08 -12.48
N SER A 715 1.67 -7.09 -13.73
CA SER A 715 1.98 -6.03 -14.69
C SER A 715 1.37 -4.69 -14.31
N GLY A 716 1.60 -3.70 -15.16
CA GLY A 716 1.09 -2.36 -14.93
C GLY A 716 1.26 -1.50 -16.16
N PRO A 717 0.69 -0.29 -16.17
CA PRO A 717 0.79 0.63 -17.30
C PRO A 717 2.18 1.18 -17.58
N PHE A 718 2.80 1.72 -16.54
CA PHE A 718 4.13 2.33 -16.67
C PHE A 718 5.27 1.47 -16.13
N ARG A 719 6.46 1.69 -16.70
CA ARG A 719 7.67 0.98 -16.29
C ARG A 719 8.06 1.34 -14.86
N THR A 720 8.83 0.48 -14.23
CA THR A 720 9.27 0.72 -12.86
C THR A 720 10.23 1.91 -12.78
N ILE A 721 10.27 2.55 -11.61
CA ILE A 721 11.15 3.68 -11.40
C ILE A 721 12.46 3.21 -10.79
N THR A 722 13.59 3.67 -11.34
CA THR A 722 14.90 3.26 -10.87
C THR A 722 15.63 4.39 -10.14
N VAL A 723 16.69 4.03 -9.43
CA VAL A 723 17.50 4.99 -8.69
C VAL A 723 18.09 6.00 -9.66
N ARG A 724 18.32 5.57 -10.89
CA ARG A 724 18.87 6.44 -11.93
C ARG A 724 17.87 7.56 -12.18
N ASP A 725 16.63 7.17 -12.46
CA ASP A 725 15.56 8.11 -12.73
C ASP A 725 15.30 9.00 -11.52
N THR A 726 15.60 8.48 -10.32
CA THR A 726 15.39 9.22 -9.09
C THR A 726 16.41 10.33 -8.82
N MET A 727 17.70 9.97 -8.82
CA MET A 727 18.74 10.95 -8.55
C MET A 727 19.97 10.80 -9.42
N SER A 728 19.88 11.21 -10.68
CA SER A 728 21.00 11.12 -11.59
C SER A 728 21.47 12.51 -12.01
N ASP A 729 20.57 13.48 -11.92
CA ASP A 729 20.90 14.85 -12.30
C ASP A 729 21.52 15.64 -11.16
N LEU A 730 21.69 15.01 -10.00
CA LEU A 730 22.27 15.67 -8.85
C LEU A 730 23.79 15.75 -8.91
N PRO A 731 24.36 16.95 -8.69
CA PRO A 731 25.80 17.19 -8.71
C PRO A 731 26.59 16.37 -7.69
N GLU A 732 27.87 16.18 -7.95
CA GLU A 732 28.74 15.41 -7.06
C GLU A 732 29.06 16.26 -5.82
N VAL A 733 28.74 15.72 -4.65
CA VAL A 733 28.98 16.42 -3.39
C VAL A 733 29.73 15.52 -2.40
N ARG A 734 30.59 16.12 -1.60
CA ARG A 734 31.39 15.37 -0.63
C ARG A 734 30.73 15.20 0.74
N ASN A 735 31.14 14.16 1.46
CA ASN A 735 30.61 13.84 2.78
C ASN A 735 30.62 15.04 3.73
N GLY A 736 29.46 15.31 4.33
CA GLY A 736 29.35 16.41 5.27
C GLY A 736 28.89 17.72 4.66
N ALA A 737 29.21 17.93 3.38
CA ALA A 737 28.83 19.16 2.68
C ALA A 737 27.46 19.67 3.11
N SER A 738 27.45 20.79 3.81
CA SER A 738 26.21 21.38 4.30
C SER A 738 25.84 22.69 3.59
N ALA A 739 25.75 22.63 2.27
CA ALA A 739 25.39 23.81 1.47
C ALA A 739 23.89 23.77 1.22
N LEU A 740 23.13 24.55 1.99
CA LEU A 740 21.68 24.59 1.84
C LEU A 740 21.18 24.79 0.41
N GLU A 741 21.71 25.79 -0.27
CA GLU A 741 21.30 26.06 -1.64
C GLU A 741 22.46 26.01 -2.64
N ILE A 742 22.19 25.44 -3.80
CA ILE A 742 23.18 25.30 -4.86
C ILE A 742 22.43 25.17 -6.19
N SER A 743 23.14 25.29 -7.30
CA SER A 743 22.53 25.19 -8.61
C SER A 743 22.59 23.79 -9.22
N TYR A 744 21.79 23.57 -10.26
CA TYR A 744 21.76 22.29 -10.95
C TYR A 744 22.77 22.29 -12.09
N ASN A 745 23.92 21.67 -11.88
CA ASN A 745 24.94 21.61 -12.91
C ASN A 745 24.55 20.55 -13.94
N GLY A 746 23.46 20.81 -14.64
CA GLY A 746 22.98 19.89 -15.65
C GLY A 746 21.47 19.83 -15.71
N GLU A 747 20.92 19.80 -16.92
CA GLU A 747 19.47 19.74 -17.10
C GLU A 747 18.93 18.36 -16.77
N PRO A 748 17.60 18.24 -16.59
CA PRO A 748 16.97 16.95 -16.26
C PRO A 748 17.40 15.85 -17.23
N GLN A 749 17.55 14.64 -16.71
CA GLN A 749 17.95 13.51 -17.53
C GLN A 749 17.07 12.29 -17.29
N SER A 750 15.84 12.54 -16.86
CA SER A 750 14.88 11.47 -16.59
C SER A 750 13.48 12.05 -16.47
N TRP A 751 12.48 11.25 -16.82
CA TRP A 751 11.11 11.71 -16.73
C TRP A 751 10.79 12.07 -15.28
N PHE A 752 10.92 11.08 -14.41
CA PHE A 752 10.66 11.26 -12.99
C PHE A 752 11.40 12.47 -12.45
N GLN A 753 12.38 12.95 -13.21
CA GLN A 753 13.17 14.11 -12.80
C GLN A 753 12.57 15.39 -13.34
N ARG A 754 12.26 15.42 -14.64
CA ARG A 754 11.67 16.60 -15.24
C ARG A 754 10.40 17.01 -14.51
N GLN A 755 9.84 16.06 -13.76
CA GLN A 755 8.61 16.29 -13.00
C GLN A 755 8.93 16.97 -11.66
N LEU A 756 9.58 16.22 -10.77
CA LEU A 756 9.94 16.73 -9.46
C LEU A 756 10.75 18.01 -9.55
N ARG A 757 11.55 18.12 -10.60
CA ARG A 757 12.41 19.29 -10.82
C ARG A 757 11.60 20.56 -10.60
N GLY A 758 10.34 20.52 -11.00
CA GLY A 758 9.47 21.67 -10.85
C GLY A 758 9.56 22.57 -12.06
N ALA A 759 8.82 23.68 -12.03
CA ALA A 759 8.83 24.63 -13.14
C ALA A 759 9.19 26.03 -12.66
N GLN A 760 9.72 26.13 -11.45
CA GLN A 760 10.10 27.41 -10.88
C GLN A 760 11.18 28.10 -11.69
N TYR A 761 11.14 29.40 -11.73
CA TYR A 761 12.13 30.15 -12.47
C TYR A 761 13.42 30.18 -11.67
N GLN A 762 13.32 29.70 -10.44
CA GLN A 762 14.46 29.63 -9.54
C GLN A 762 14.97 28.19 -9.43
N PRO A 763 16.12 27.91 -10.12
CA PRO A 763 16.91 26.67 -10.25
C PRO A 763 17.47 26.27 -8.90
N ILE A 764 16.89 26.79 -7.82
CA ILE A 764 17.40 26.52 -6.50
C ILE A 764 17.31 25.07 -6.02
N LEU A 765 18.47 24.41 -5.94
CA LEU A 765 18.53 23.03 -5.47
C LEU A 765 18.72 23.09 -3.96
N ARG A 766 17.61 23.18 -3.23
CA ARG A 766 17.63 23.27 -1.78
C ARG A 766 17.82 21.94 -1.05
N ASP A 767 18.54 21.99 0.06
CA ASP A 767 18.79 20.84 0.91
C ASP A 767 19.47 19.61 0.28
N HIS A 768 20.52 19.84 -0.50
CA HIS A 768 21.25 18.72 -1.11
C HIS A 768 22.45 18.45 -0.22
N ILE A 769 22.18 18.43 1.09
CA ILE A 769 23.22 18.20 2.09
C ILE A 769 23.04 16.87 2.81
N CYS A 770 24.15 16.18 3.05
CA CYS A 770 24.11 14.90 3.73
C CYS A 770 24.87 14.96 5.05
N LYS A 771 24.67 13.94 5.89
CA LYS A 771 25.31 13.87 7.19
C LYS A 771 26.83 13.85 7.07
N ASP A 772 27.51 14.21 8.16
CA ASP A 772 28.97 14.23 8.18
C ASP A 772 29.50 12.98 8.88
N MET A 773 29.68 11.91 8.11
CA MET A 773 30.17 10.65 8.65
C MET A 773 31.55 10.78 9.27
N SER A 774 31.81 9.94 10.28
CA SER A 774 33.10 9.94 10.97
C SER A 774 34.25 9.76 9.99
N ALA A 775 35.42 10.26 10.35
CA ALA A 775 36.59 10.15 9.50
C ALA A 775 36.84 8.66 9.21
N LEU A 776 36.56 7.82 10.19
CA LEU A 776 36.73 6.38 10.05
C LEU A 776 35.68 5.79 9.11
N VAL A 777 34.44 6.27 9.25
CA VAL A 777 33.35 5.79 8.41
C VAL A 777 33.64 6.17 6.96
N ALA A 778 34.16 7.38 6.77
CA ALA A 778 34.50 7.87 5.44
C ALA A 778 35.48 6.89 4.80
N ALA A 779 36.30 6.26 5.62
CA ALA A 779 37.28 5.29 5.15
C ALA A 779 36.56 4.02 4.70
N ARG A 780 35.71 3.48 5.57
CA ARG A 780 34.96 2.28 5.27
C ARG A 780 34.19 2.43 3.96
N MET A 781 33.54 3.59 3.80
CA MET A 781 32.76 3.86 2.59
C MET A 781 33.63 3.87 1.34
N ARG A 782 34.74 4.60 1.38
CA ARG A 782 35.63 4.70 0.24
C ARG A 782 36.16 3.35 -0.20
N HIS A 783 36.10 2.36 0.69
CA HIS A 783 36.58 1.02 0.40
C HIS A 783 35.48 0.04 -0.02
N ILE A 784 34.37 0.59 -0.52
CA ILE A 784 33.26 -0.26 -0.96
C ILE A 784 33.12 -0.27 -2.47
N PRO A 785 33.25 -1.45 -3.08
CA PRO A 785 33.13 -1.63 -4.53
C PRO A 785 31.85 -1.06 -5.13
N LEU A 786 31.97 -0.38 -6.26
CA LEU A 786 30.81 0.18 -6.93
C LEU A 786 30.01 -0.93 -7.58
N ALA A 787 30.56 -2.15 -7.55
CA ALA A 787 29.89 -3.30 -8.13
C ALA A 787 28.52 -3.48 -7.49
N PRO A 788 27.45 -3.46 -8.30
CA PRO A 788 26.08 -3.61 -7.82
C PRO A 788 25.92 -4.71 -6.78
N GLY A 789 25.54 -4.32 -5.56
CA GLY A 789 25.34 -5.29 -4.50
C GLY A 789 26.47 -5.37 -3.48
N SER A 790 27.42 -4.45 -3.57
CA SER A 790 28.55 -4.44 -2.64
C SER A 790 28.16 -3.90 -1.28
N ASP A 791 28.73 -4.49 -0.23
CA ASP A 791 28.46 -4.07 1.13
C ASP A 791 29.67 -4.36 2.03
N TRP A 792 29.51 -4.17 3.33
CA TRP A 792 30.58 -4.40 4.30
C TRP A 792 31.31 -5.74 4.09
N ARG A 793 30.55 -6.76 3.73
CA ARG A 793 31.11 -8.09 3.50
C ARG A 793 32.26 -8.09 2.47
N ASP A 794 32.37 -7.02 1.69
CA ASP A 794 33.44 -6.94 0.71
C ASP A 794 34.49 -5.90 1.06
N LEU A 795 34.69 -5.66 2.35
CA LEU A 795 35.68 -4.67 2.79
C LEU A 795 37.06 -5.28 2.99
N PRO A 796 38.11 -4.55 2.59
CA PRO A 796 39.49 -5.01 2.74
C PRO A 796 39.90 -5.07 4.21
N ASN A 797 40.58 -6.14 4.59
CA ASN A 797 41.03 -6.31 5.95
C ASN A 797 42.49 -5.81 6.01
N ILE A 798 42.66 -4.50 6.00
CA ILE A 798 43.98 -3.87 6.05
C ILE A 798 44.01 -2.61 6.95
N GLU A 799 45.19 -2.00 7.07
CA GLU A 799 45.32 -0.80 7.87
C GLU A 799 45.44 0.41 6.95
N VAL A 800 44.80 1.52 7.34
CA VAL A 800 44.83 2.73 6.53
C VAL A 800 44.79 4.01 7.37
N ARG A 801 45.58 5.00 6.96
CA ARG A 801 45.62 6.28 7.66
C ARG A 801 44.39 7.07 7.25
N LEU A 802 43.67 7.59 8.24
CA LEU A 802 42.46 8.36 7.98
C LEU A 802 42.74 9.85 7.80
N SER A 803 41.70 10.61 7.50
CA SER A 803 41.84 12.05 7.30
C SER A 803 42.18 12.72 8.63
N ASP A 804 42.49 11.89 9.63
CA ASP A 804 42.85 12.34 10.96
C ASP A 804 44.28 11.95 11.27
N GLY A 805 44.98 11.43 10.26
CA GLY A 805 46.35 10.99 10.46
C GLY A 805 46.37 9.70 11.25
N THR A 806 45.42 9.57 12.17
CA THR A 806 45.29 8.38 13.00
C THR A 806 45.02 7.16 12.12
N MET A 807 45.72 6.07 12.39
CA MET A 807 45.54 4.85 11.60
C MET A 807 44.68 3.80 12.27
N ALA A 808 43.79 3.20 11.48
CA ALA A 808 42.89 2.16 11.97
C ALA A 808 43.58 0.82 11.71
N ARG A 809 43.62 -0.01 12.75
CA ARG A 809 44.26 -1.31 12.64
C ARG A 809 43.37 -2.32 11.95
N LYS A 810 43.90 -3.52 11.79
CA LYS A 810 43.13 -4.56 11.15
C LYS A 810 42.26 -5.35 12.12
N LEU A 811 41.55 -6.35 11.59
CA LEU A 811 40.69 -7.16 12.43
C LEU A 811 41.33 -8.52 12.67
N ARG A 812 41.17 -9.05 13.88
CA ARG A 812 41.77 -10.33 14.22
C ARG A 812 40.73 -11.38 14.60
N TYR A 813 40.72 -12.49 13.86
CA TYR A 813 39.80 -13.58 14.14
C TYR A 813 40.55 -14.60 15.01
N THR A 814 40.78 -14.25 16.27
CA THR A 814 41.49 -15.12 17.18
C THR A 814 40.63 -16.24 17.76
N HIS A 815 39.59 -16.62 17.02
CA HIS A 815 38.69 -17.68 17.47
C HIS A 815 38.17 -18.52 16.31
N HIS A 816 37.38 -19.54 16.62
CA HIS A 816 36.83 -20.43 15.59
C HIS A 816 35.31 -20.44 15.57
N ASP A 817 34.74 -20.63 14.38
CA ASP A 817 33.29 -20.67 14.21
C ASP A 817 32.85 -22.06 13.78
N ARG A 818 32.27 -22.81 14.71
CA ARG A 818 31.80 -24.17 14.43
C ARG A 818 30.66 -24.24 13.43
N LYS A 819 30.40 -23.14 12.74
CA LYS A 819 29.32 -23.09 11.75
C LYS A 819 29.81 -22.41 10.47
N ASN A 820 31.06 -21.98 10.48
CA ASN A 820 31.66 -21.31 9.32
C ASN A 820 32.98 -21.97 8.92
N GLY A 821 33.65 -22.57 9.90
CA GLY A 821 34.92 -23.24 9.64
C GLY A 821 36.06 -22.26 9.48
N ARG A 822 37.02 -22.61 8.64
CA ARG A 822 38.18 -21.75 8.39
C ARG A 822 38.13 -21.13 6.99
N SER A 823 39.08 -20.26 6.70
CA SER A 823 39.13 -19.60 5.39
C SER A 823 39.78 -20.53 4.36
N SER A 824 39.72 -20.14 3.10
CA SER A 824 40.31 -20.94 2.03
C SER A 824 41.79 -21.13 2.31
N SER A 825 42.33 -20.29 3.19
CA SER A 825 43.73 -20.35 3.57
C SER A 825 43.86 -20.83 5.00
N GLY A 826 42.86 -21.60 5.44
CA GLY A 826 42.86 -22.13 6.79
C GLY A 826 42.84 -21.05 7.87
N ALA A 827 42.39 -19.85 7.52
CA ALA A 827 42.33 -18.75 8.46
C ALA A 827 41.10 -18.85 9.36
N LEU A 828 41.21 -18.28 10.56
CA LEU A 828 40.11 -18.31 11.52
C LEU A 828 39.02 -17.33 11.07
N ARG A 829 37.80 -17.54 11.55
CA ARG A 829 36.68 -16.67 11.18
C ARG A 829 35.84 -16.18 12.35
N GLY A 830 36.26 -16.48 13.57
CA GLY A 830 35.52 -16.06 14.75
C GLY A 830 36.03 -14.74 15.30
N VAL A 831 35.11 -13.84 15.63
CA VAL A 831 35.48 -12.53 16.16
C VAL A 831 35.47 -12.48 17.69
N CYS A 832 34.44 -13.06 18.32
CA CYS A 832 34.34 -13.06 19.78
C CYS A 832 34.46 -14.48 20.34
N SER A 833 34.85 -14.57 21.61
CA SER A 833 35.02 -15.88 22.26
C SER A 833 33.68 -16.57 22.56
N CYS A 834 32.62 -16.15 21.87
CA CYS A 834 31.31 -16.75 22.08
C CYS A 834 30.88 -17.53 20.85
N VAL A 835 31.36 -17.09 19.68
CA VAL A 835 31.07 -17.71 18.39
C VAL A 835 30.12 -18.91 18.48
N ALA A 840 30.47 -17.65 26.47
CA ALA A 840 30.12 -16.31 26.92
C ALA A 840 31.00 -15.27 26.24
N CYS A 841 30.46 -14.07 26.06
CA CYS A 841 31.19 -12.98 25.42
C CYS A 841 32.37 -12.56 26.28
N ASP A 842 33.54 -12.43 25.66
CA ASP A 842 34.74 -12.01 26.37
C ASP A 842 34.96 -10.54 26.04
N PRO A 843 34.47 -9.64 26.90
CA PRO A 843 34.60 -8.19 26.72
C PRO A 843 35.99 -7.73 26.31
N ALA A 844 37.01 -8.52 26.64
CA ALA A 844 38.39 -8.18 26.29
C ALA A 844 38.68 -8.51 24.84
N ALA A 845 37.80 -9.28 24.21
CA ALA A 845 37.97 -9.69 22.82
C ALA A 845 37.43 -8.64 21.86
N ARG A 846 36.89 -7.57 22.40
CA ARG A 846 36.33 -6.50 21.59
C ARG A 846 37.42 -5.66 20.94
N GLN A 847 37.17 -5.20 19.72
CA GLN A 847 38.16 -4.40 19.00
C GLN A 847 37.51 -3.13 18.45
N PHE A 848 38.19 -2.00 18.60
CA PHE A 848 37.65 -0.73 18.14
C PHE A 848 38.52 -0.11 17.05
N ASN A 849 38.00 0.96 16.45
CA ASN A 849 38.70 1.69 15.40
C ASN A 849 39.28 0.75 14.33
N THR A 850 38.42 -0.07 13.74
CA THR A 850 38.84 -1.02 12.72
C THR A 850 37.99 -0.85 11.47
N LEU A 851 38.59 -1.05 10.29
CA LEU A 851 37.87 -0.92 9.03
C LEU A 851 36.60 -1.77 9.05
N ILE A 852 36.77 -3.08 9.19
CA ILE A 852 35.63 -3.99 9.25
C ILE A 852 35.07 -3.97 10.66
N PRO A 853 33.86 -3.39 10.83
CA PRO A 853 33.20 -3.31 12.13
C PRO A 853 33.25 -4.61 12.93
N TRP A 854 33.89 -4.55 14.09
CA TRP A 854 34.03 -5.71 14.97
C TRP A 854 32.70 -6.41 15.20
N CYS A 855 31.68 -5.63 15.56
CA CYS A 855 30.35 -6.12 15.85
C CYS A 855 29.70 -6.97 14.76
N LEU A 856 29.66 -6.46 13.54
CA LEU A 856 29.04 -7.17 12.44
C LEU A 856 29.30 -8.68 12.41
N PRO A 857 30.56 -9.11 12.28
CA PRO A 857 30.81 -10.56 12.26
C PRO A 857 30.40 -11.23 13.57
N HIS A 858 30.48 -10.47 14.67
CA HIS A 858 30.14 -10.94 16.01
C HIS A 858 28.72 -11.41 16.00
N THR A 859 27.82 -10.51 15.63
CA THR A 859 26.45 -10.96 15.59
C THR A 859 25.99 -11.49 14.20
N GLY A 860 26.54 -11.03 13.13
CA GLY A 860 26.46 -11.58 11.78
C GLY A 860 25.92 -12.99 11.60
N ASN A 861 26.41 -13.93 12.41
CA ASN A 861 25.99 -15.34 12.37
C ASN A 861 24.51 -15.66 12.68
N ARG A 862 23.79 -14.69 13.23
CA ARG A 862 22.38 -14.86 13.59
C ARG A 862 21.41 -13.75 13.08
N HIS A 863 21.83 -12.91 12.13
CA HIS A 863 20.97 -11.85 11.57
C HIS A 863 21.14 -11.82 10.05
N ASN A 864 21.26 -12.99 9.43
CA ASN A 864 21.37 -13.10 7.97
C ASN A 864 22.60 -12.45 7.35
N HIS A 865 23.69 -12.39 8.12
CA HIS A 865 24.94 -11.79 7.65
C HIS A 865 24.80 -10.30 7.36
N TRP A 866 23.89 -9.64 8.08
CA TRP A 866 23.64 -8.21 7.91
C TRP A 866 23.78 -7.75 6.46
N ALA A 867 23.40 -8.61 5.53
CA ALA A 867 23.48 -8.30 4.11
C ALA A 867 22.78 -6.98 3.83
N GLY A 868 23.51 -6.03 3.25
CA GLY A 868 22.94 -4.74 2.94
C GLY A 868 23.61 -3.62 3.71
N LEU A 869 23.81 -3.84 5.00
CA LEU A 869 24.47 -2.85 5.87
C LEU A 869 25.74 -2.33 5.21
N TYR A 870 25.94 -1.02 5.26
CA TYR A 870 27.12 -0.40 4.66
C TYR A 870 27.22 -0.73 3.18
N GLY A 871 26.08 -1.02 2.56
CA GLY A 871 26.06 -1.34 1.15
C GLY A 871 25.78 -0.12 0.30
N ARG A 872 26.05 -0.22 -1.00
CA ARG A 872 25.82 0.89 -1.92
C ARG A 872 24.58 0.65 -2.74
N LEU A 873 23.88 1.72 -3.08
CA LEU A 873 22.67 1.62 -3.90
C LEU A 873 23.08 1.46 -5.36
N GLU A 874 22.46 0.50 -6.04
CA GLU A 874 22.78 0.27 -7.44
C GLU A 874 21.79 1.03 -8.33
N TRP A 875 22.30 1.69 -9.35
CA TRP A 875 21.48 2.48 -10.26
C TRP A 875 20.20 1.80 -10.74
N ASP A 876 20.30 0.53 -11.11
CA ASP A 876 19.13 -0.21 -11.58
C ASP A 876 18.24 -0.68 -10.44
N GLY A 877 18.75 -0.62 -9.22
CA GLY A 877 17.96 -1.05 -8.08
C GLY A 877 16.96 -0.02 -7.62
N PHE A 878 16.72 0.02 -6.30
CA PHE A 878 15.77 0.95 -5.71
C PHE A 878 16.01 1.09 -4.21
N PHE A 879 15.86 2.30 -3.69
CA PHE A 879 16.05 2.56 -2.27
C PHE A 879 15.26 1.58 -1.42
N SER A 880 15.81 1.22 -0.27
CA SER A 880 15.10 0.33 0.64
C SER A 880 14.26 1.26 1.50
N THR A 881 13.21 0.72 2.11
CA THR A 881 12.31 1.51 2.95
C THR A 881 13.01 2.73 3.55
N THR A 882 12.83 3.89 2.92
CA THR A 882 13.44 5.12 3.41
C THR A 882 13.22 5.23 4.91
N VAL A 883 14.20 5.76 5.62
CA VAL A 883 14.06 5.90 7.06
C VAL A 883 14.18 7.35 7.49
N THR A 884 14.02 7.59 8.78
CA THR A 884 14.08 8.93 9.35
C THR A 884 15.51 9.39 9.62
N ASN A 885 16.46 8.47 9.57
CA ASN A 885 17.85 8.82 9.83
C ASN A 885 18.82 7.80 9.25
N PRO A 886 19.44 8.11 8.11
CA PRO A 886 20.40 7.24 7.42
C PRO A 886 21.66 6.95 8.22
N GLU A 887 21.92 5.67 8.45
CA GLU A 887 23.09 5.23 9.19
C GLU A 887 23.55 3.90 8.61
N PRO A 888 24.77 3.87 8.04
CA PRO A 888 25.37 2.68 7.44
C PRO A 888 25.07 1.36 8.14
N MET A 889 25.02 1.37 9.47
CA MET A 889 24.74 0.16 10.22
C MET A 889 23.31 0.07 10.74
N GLY A 890 22.41 0.85 10.14
CA GLY A 890 21.03 0.84 10.54
C GLY A 890 20.27 -0.33 9.93
N LYS A 891 19.38 -0.94 10.70
CA LYS A 891 18.59 -2.07 10.22
C LYS A 891 18.48 -2.07 8.70
N GLN A 892 17.76 -1.07 8.18
CA GLN A 892 17.60 -0.90 6.75
C GLN A 892 18.61 0.21 6.43
N GLY A 893 19.88 -0.18 6.28
CA GLY A 893 20.92 0.80 6.03
C GLY A 893 21.68 0.80 4.72
N ARG A 894 21.23 0.04 3.73
CA ARG A 894 21.93 0.04 2.45
C ARG A 894 21.64 1.41 1.87
N VAL A 895 22.37 2.42 2.34
CA VAL A 895 22.15 3.79 1.92
C VAL A 895 23.36 4.52 1.32
N LEU A 896 24.43 3.80 1.03
CA LEU A 896 25.61 4.41 0.45
C LEU A 896 25.43 4.79 -1.03
N HIS A 897 25.67 6.06 -1.34
CA HIS A 897 25.52 6.58 -2.69
C HIS A 897 26.14 5.63 -3.70
N PRO A 898 25.41 5.34 -4.79
CA PRO A 898 25.85 4.45 -5.86
C PRO A 898 27.32 4.55 -6.21
N GLU A 899 27.78 5.77 -6.48
CA GLU A 899 29.18 5.98 -6.85
C GLU A 899 29.96 6.83 -5.85
N GLN A 900 29.46 8.02 -5.55
CA GLN A 900 30.13 8.91 -4.61
C GLN A 900 30.34 8.20 -3.28
N HIS A 901 31.38 8.61 -2.55
CA HIS A 901 31.70 8.00 -1.26
C HIS A 901 31.06 8.73 -0.09
N ARG A 902 29.73 8.66 -0.02
CA ARG A 902 28.98 9.31 1.05
C ARG A 902 27.62 8.65 1.22
N VAL A 903 26.82 9.18 2.14
CA VAL A 903 25.48 8.66 2.37
C VAL A 903 24.50 9.53 1.60
N VAL A 904 23.34 8.99 1.27
CA VAL A 904 22.34 9.76 0.53
C VAL A 904 22.06 11.06 1.26
N SER A 905 21.77 12.11 0.52
CA SER A 905 21.48 13.41 1.10
C SER A 905 19.98 13.59 1.32
N VAL A 906 19.62 14.68 1.99
CA VAL A 906 18.22 14.97 2.27
C VAL A 906 17.41 15.09 0.97
N ARG A 907 17.91 15.86 0.02
CA ARG A 907 17.24 16.05 -1.26
C ARG A 907 17.08 14.71 -1.97
N GLU A 908 18.10 13.86 -1.86
CA GLU A 908 18.06 12.55 -2.51
C GLU A 908 16.98 11.70 -1.84
N CYS A 909 16.79 11.90 -0.54
CA CYS A 909 15.78 11.16 0.20
C CYS A 909 14.43 11.74 -0.20
N ALA A 910 14.39 13.03 -0.50
CA ALA A 910 13.17 13.68 -0.92
C ALA A 910 12.77 13.03 -2.23
N ARG A 911 13.78 12.76 -3.07
CA ARG A 911 13.56 12.12 -4.36
C ARG A 911 13.11 10.68 -4.17
N SER A 912 13.66 10.00 -3.15
CA SER A 912 13.29 8.61 -2.88
C SER A 912 11.79 8.61 -2.68
N GLN A 913 11.30 9.61 -1.96
CA GLN A 913 9.88 9.77 -1.71
C GLN A 913 9.36 10.48 -2.95
N GLY A 914 8.10 10.88 -2.95
CA GLY A 914 7.57 11.56 -4.12
C GLY A 914 7.72 13.06 -4.07
N PHE A 915 8.21 13.56 -2.93
CA PHE A 915 8.40 14.99 -2.74
C PHE A 915 9.10 15.71 -3.88
N PRO A 916 8.47 16.77 -4.42
CA PRO A 916 9.07 17.54 -5.51
C PRO A 916 10.21 18.36 -4.91
N ASP A 917 10.90 19.13 -5.73
CA ASP A 917 12.00 19.94 -5.22
C ASP A 917 11.47 21.28 -4.71
N THR A 918 10.28 21.66 -5.18
CA THR A 918 9.66 22.91 -4.78
C THR A 918 9.20 22.86 -3.33
N TYR A 919 9.00 21.66 -2.81
CA TYR A 919 8.57 21.46 -1.43
C TYR A 919 9.67 21.94 -0.50
N ARG A 920 9.30 22.60 0.60
CA ARG A 920 10.28 23.12 1.54
C ARG A 920 10.39 22.30 2.83
N LEU A 921 11.51 22.44 3.52
CA LEU A 921 11.75 21.73 4.77
C LEU A 921 12.17 22.72 5.85
N PHE A 922 12.35 22.23 7.07
CA PHE A 922 12.75 23.10 8.18
C PHE A 922 13.55 22.36 9.24
N GLY A 923 14.44 23.08 9.92
CA GLY A 923 15.26 22.48 10.96
C GLY A 923 16.67 22.17 10.50
N ASN A 924 17.45 21.52 11.36
CA ASN A 924 18.82 21.15 11.03
C ASN A 924 18.83 19.97 10.07
N ILE A 925 20.01 19.51 9.70
CA ILE A 925 20.13 18.38 8.78
C ILE A 925 19.43 17.11 9.25
N LEU A 926 19.56 16.79 10.54
CA LEU A 926 18.91 15.60 11.07
C LEU A 926 17.41 15.81 11.20
N ASP A 927 17.01 17.03 11.53
CA ASP A 927 15.61 17.36 11.67
C ASP A 927 14.90 17.14 10.34
N LYS A 928 15.58 17.48 9.25
CA LYS A 928 15.04 17.31 7.90
C LYS A 928 14.87 15.84 7.56
N HIS A 929 15.93 15.07 7.71
CA HIS A 929 15.90 13.65 7.41
C HIS A 929 14.71 12.94 8.04
N ARG A 930 14.41 13.28 9.28
CA ARG A 930 13.32 12.64 9.99
C ARG A 930 11.95 13.01 9.40
N GLN A 931 11.81 14.26 8.96
CA GLN A 931 10.55 14.70 8.37
C GLN A 931 10.26 13.86 7.13
N VAL A 932 11.23 13.82 6.21
CA VAL A 932 11.12 13.05 4.98
C VAL A 932 10.92 11.57 5.28
N GLY A 933 11.64 11.08 6.29
CA GLY A 933 11.53 9.68 6.65
C GLY A 933 10.16 9.26 7.10
N ASN A 934 9.49 10.11 7.88
CA ASN A 934 8.16 9.81 8.37
C ASN A 934 7.09 10.00 7.30
N ALA A 935 7.18 11.10 6.57
CA ALA A 935 6.23 11.45 5.53
C ALA A 935 5.74 10.29 4.67
N VAL A 936 4.70 10.56 3.89
CA VAL A 936 4.10 9.57 3.00
C VAL A 936 4.35 9.96 1.54
N PRO A 937 4.76 8.99 0.71
CA PRO A 937 5.01 9.26 -0.71
C PRO A 937 3.85 9.98 -1.36
N PRO A 938 4.03 11.27 -1.69
CA PRO A 938 2.95 12.04 -2.33
C PRO A 938 2.30 11.27 -3.48
N PRO A 939 3.10 10.60 -4.33
CA PRO A 939 2.55 9.84 -5.45
C PRO A 939 1.59 8.74 -4.98
N LEU A 940 1.78 8.31 -3.74
CA LEU A 940 0.93 7.28 -3.16
C LEU A 940 -0.35 7.96 -2.69
N ALA A 941 -0.18 9.05 -1.96
CA ALA A 941 -1.31 9.81 -1.45
C ALA A 941 -2.20 10.30 -2.58
N LYS A 942 -1.59 10.79 -3.66
CA LYS A 942 -2.38 11.26 -4.78
C LYS A 942 -3.23 10.12 -5.33
N ALA A 943 -2.55 9.07 -5.78
CA ALA A 943 -3.23 7.90 -6.34
C ALA A 943 -4.23 7.32 -5.34
N ILE A 944 -4.03 7.57 -4.06
CA ILE A 944 -4.94 7.06 -3.04
C ILE A 944 -6.11 8.03 -2.88
N GLY A 945 -5.86 9.30 -3.19
CA GLY A 945 -6.91 10.30 -3.08
C GLY A 945 -7.89 10.25 -4.24
N LEU A 946 -7.39 9.90 -5.42
CA LEU A 946 -8.23 9.81 -6.61
C LEU A 946 -9.28 8.73 -6.45
N GLU A 947 -8.94 7.65 -5.74
CA GLU A 947 -9.89 6.58 -5.53
C GLU A 947 -11.02 7.07 -4.65
N ILE A 948 -10.84 8.27 -4.10
CA ILE A 948 -11.85 8.89 -3.25
C ILE A 948 -12.68 9.86 -4.08
N LYS A 949 -12.06 10.49 -5.08
CA LYS A 949 -12.79 11.42 -5.93
C LYS A 949 -13.92 10.67 -6.61
N LEU A 950 -13.68 9.42 -6.96
CA LEU A 950 -14.69 8.59 -7.61
C LEU A 950 -15.81 8.27 -6.64
N CYS A 951 -15.69 8.77 -5.41
CA CYS A 951 -16.71 8.54 -4.39
C CYS A 951 -17.47 9.83 -4.13
N MET A 952 -16.79 10.95 -4.27
CA MET A 952 -17.42 12.25 -4.08
C MET A 952 -18.34 12.49 -5.27
N LEU A 953 -17.91 12.00 -6.43
CA LEU A 953 -18.68 12.13 -7.65
C LEU A 953 -19.79 11.09 -7.70
N ALA A 954 -19.72 10.13 -6.78
CA ALA A 954 -20.73 9.08 -6.70
C ALA A 954 -22.01 9.68 -6.12
N LYS A 955 -21.84 10.56 -5.15
CA LYS A 955 -22.96 11.24 -4.50
C LYS A 955 -24.13 10.34 -4.20
N ALA A 956 -25.04 10.21 -5.17
CA ALA A 956 -26.24 9.40 -5.08
C ALA A 956 -27.40 10.25 -4.56
N SAH D . 3.93 10.16 7.66
CA SAH D . 2.79 10.92 8.20
CB SAH D . 3.25 11.92 9.26
CG SAH D . 4.01 11.29 10.42
SD SAH D . 4.45 12.65 11.53
C SAH D . 2.08 11.64 7.07
O SAH D . 1.10 11.15 6.57
OXT SAH D . 2.55 12.83 6.61
C5' SAH D . 5.42 11.88 12.84
C4' SAH D . 5.85 13.02 13.75
O4' SAH D . 4.71 13.69 14.35
C3' SAH D . 6.78 12.55 14.87
O3' SAH D . 8.12 13.01 14.65
C2' SAH D . 6.19 13.08 16.19
O2' SAH D . 7.13 13.90 16.90
C1' SAH D . 4.91 13.87 15.79
N9 SAH D . 3.78 13.36 16.61
C8 SAH D . 3.58 12.07 17.02
N7 SAH D . 2.51 11.96 17.74
C5 SAH D . 1.94 13.19 17.87
C6 SAH D . 0.78 13.69 18.53
N6 SAH D . -0.04 12.85 19.26
N1 SAH D . 0.49 15.01 18.44
C2 SAH D . 1.27 15.83 17.74
N3 SAH D . 2.38 15.41 17.11
C4 SAH D . 2.74 14.11 17.14
ZN ZN E . 30.42 -12.12 21.96
ZN ZN F . 23.48 6.54 18.18
ZN ZN G . -30.54 -15.54 -3.46
ZN ZN H . 33.37 9.31 30.03
#